data_6LHQ
#
_entry.id   6LHQ
#
_cell.length_a   1.00
_cell.length_b   1.00
_cell.length_c   1.00
_cell.angle_alpha   90.00
_cell.angle_beta   90.00
_cell.angle_gamma   90.00
#
_symmetry.space_group_name_H-M   'P 1'
#
loop_
_entity.id
_entity.type
_entity.pdbx_description
1 polymer 'VP1 protein'
2 polymer 'VP2 protein'
3 polymer 'VP3 protein'
4 polymer 'VP4 protein'
5 polymer 'light chain variable region of Fab NA9D7'
6 polymer 'heavy chain variable region of Fab NA9D7'
7 non-polymer SPHINGOSINE
#
loop_
_entity_poly.entity_id
_entity_poly.type
_entity_poly.pdbx_seq_one_letter_code
_entity_poly.pdbx_strand_id
1 'polypeptide(L)'
;GDPIADMIDQTVNNQVNRSLTALQVLPTAANTEASSHRLGTGVVPALQAAETGASSNASDKNLIETRCVLNHHSTQETAI
GNFFSRAGLVSIITMPTTDTQNTDGYVNWDIDLMGYAQLRRKCELFTYMRFDAEFTFVVAKPNGVLVPQLLQYMYVPPGA
PKPTSRDSFAWQTATNPSVFVKMTDPPAQVSVPFMSPASAYQWFYDGYPTFGEHLQANDLDYGQCPNNMMGTFSIRTVGT
EKSPHSITLRVYMRIKHVRAWIPRPLRNQPYLFKTNPNYKGNDIKCTSTSRDKITTL
;
A
2 'polypeptide(L)'
;SPSAEACGYSDRVAQLTIGNSTITTQEAANIVIAYGEWPEYCPDTDATAVDKPTRPDVSVNRFFTLDTKSWAKDSKGWYW
KFPDVLTEVGVFGQNAQFHYLYRSGFCVHVQCNASKFHQGALLVAVLPEYVLGTIAGGTGNENSHPPYATTQPGQVGAVL
THPYVLDAGIPLSQLTVCPHQWINLRTNNCATIIVPYMNTVPFDSALNHCNFGLLVIPVVPLDFNAGATSEIPITVTIAP
MCAEFAGLRQAVKQ
;
B
3 'polypeptide(L)'
;GIPTELKPGTNQFLTTDDGVSAPILPGFHPTPPIHIPGEVHNLLEICRVETILEVNNLKTNETTPMQRLCFPVSVQSKTG
ELCAAFRADPGRDGPWQSTILGQLCRYYTQWSGSLEVTFMFAGSFMATGKMLIAYTPPGGNVPADRITAMLGTHVIWDFG
LQSSVTLVVPWISNTHYRAHARAGYFDYYTTGIITIWYQTNYVVPIGAPTTAYIVALAAAQDNFTMKLCKDTEDIEQTAN
IQ
;
C
4 'polypeptide(L)' MGSQVSTQRSGSHENSNSASEGSTINYTTINYYKDAYAASAGRQDMSQDPKKFTDPVMDVIHEMAPPLK D
5 'polypeptide(L)'
;EIVLTQSPTTMAASPGEKITITCSASSSISSNYLHWYQQKPGFSPKLLIYRTSNLASGVPARFSGSGSGTSYSLTIGTME
AEDVATYYCQQGSSIPHTFGGGTKLEIK
;
L
6 'polypeptide(L)'
;EVQLQQSGPELVKPGASVKMSCKASGYTFTDYYMKWVKQSHGKSLEWIGDINPNNGATSYNQKFKGKATLTVDKSSSTAY
MQLNSLTSEDSAVYYCARRGYGLYYAMDYWGQGTSVTVSS
;
H
#
loop_
_chem_comp.id
_chem_comp.type
_chem_comp.name
_chem_comp.formula
SPH non-polymer SPHINGOSINE 'C18 H37 N O2'
#
# COMPACT_ATOMS: atom_id res chain seq x y z
N ASP A 2 -14.74 46.75 19.92
CA ASP A 2 -15.07 45.44 19.36
C ASP A 2 -16.28 45.55 18.45
N PRO A 3 -16.05 45.97 17.20
CA PRO A 3 -17.18 46.18 16.30
C PRO A 3 -17.76 44.90 15.74
N ILE A 4 -16.99 43.81 15.72
CA ILE A 4 -17.47 42.49 15.32
C ILE A 4 -17.25 41.54 16.48
N ALA A 5 -18.32 40.96 16.99
CA ALA A 5 -18.21 40.01 18.08
C ALA A 5 -17.90 38.59 17.62
N ASP A 6 -17.79 38.37 16.32
CA ASP A 6 -17.59 37.02 15.79
C ASP A 6 -16.17 36.76 15.36
N MET A 7 -15.40 37.81 15.06
CA MET A 7 -14.01 37.65 14.68
C MET A 7 -13.09 37.55 15.88
N ILE A 8 -13.57 37.91 17.08
CA ILE A 8 -12.74 37.76 18.26
C ILE A 8 -12.86 36.36 18.85
N ASP A 9 -13.85 35.59 18.40
CA ASP A 9 -14.18 34.22 18.90
C ASP A 9 -14.35 34.16 20.41
N ARG A 18 -8.02 19.30 21.96
CA ARG A 18 -8.06 18.54 23.21
C ARG A 18 -7.43 17.17 23.00
N SER A 19 -6.31 16.92 23.68
CA SER A 19 -5.68 15.62 23.59
C SER A 19 -6.47 14.61 24.43
N LEU A 20 -6.44 13.35 24.00
CA LEU A 20 -7.17 12.30 24.70
C LEU A 20 -6.35 11.71 25.84
N THR A 21 -5.19 11.16 25.53
CA THR A 21 -4.42 10.41 26.52
C THR A 21 -2.93 10.62 26.28
N ALA A 22 -2.21 11.00 27.33
CA ALA A 22 -0.76 11.12 27.28
C ALA A 22 -0.11 9.78 27.57
N LEU A 23 1.15 9.65 27.16
CA LEU A 23 1.88 8.41 27.30
C LEU A 23 2.65 8.37 28.61
N GLN A 24 2.96 7.16 29.07
CA GLN A 24 3.60 6.99 30.35
C GLN A 24 4.63 5.87 30.26
N VAL A 25 5.53 5.84 31.22
CA VAL A 25 6.63 4.88 31.25
C VAL A 25 6.17 3.63 31.97
N LEU A 26 6.26 2.49 31.27
CA LEU A 26 5.85 1.19 31.81
C LEU A 26 6.96 0.20 31.53
N PRO A 27 7.85 -0.06 32.49
CA PRO A 27 8.96 -0.99 32.21
C PRO A 27 8.53 -2.44 32.16
N THR A 28 7.70 -2.88 33.10
CA THR A 28 7.28 -4.27 33.17
C THR A 28 5.80 -4.39 32.89
N ALA A 29 5.34 -5.63 32.85
CA ALA A 29 3.94 -5.90 32.57
C ALA A 29 3.09 -5.64 33.81
N ALA A 30 1.77 -5.66 33.61
CA ALA A 30 0.86 -5.27 34.67
C ALA A 30 0.72 -6.36 35.73
N ASN A 31 0.55 -5.94 36.97
CA ASN A 31 0.35 -6.89 38.06
C ASN A 31 -1.10 -7.35 38.08
N THR A 32 -1.38 -8.29 38.97
CA THR A 32 -2.70 -8.88 39.12
C THR A 32 -3.11 -8.72 40.57
N GLU A 33 -4.32 -8.24 40.80
CA GLU A 33 -4.80 -8.05 42.16
C GLU A 33 -5.82 -9.12 42.50
N ALA A 34 -5.88 -9.49 43.78
CA ALA A 34 -6.75 -10.55 44.24
C ALA A 34 -8.21 -10.15 44.13
N SER A 35 -9.06 -11.15 43.90
CA SER A 35 -10.46 -10.91 43.62
C SER A 35 -11.29 -11.95 44.33
N SER A 36 -12.55 -11.61 44.58
CA SER A 36 -13.49 -12.57 45.15
C SER A 36 -14.78 -12.57 44.35
N HIS A 37 -15.75 -13.36 44.78
CA HIS A 37 -16.98 -13.49 44.03
C HIS A 37 -17.82 -12.22 44.17
N ARG A 38 -18.74 -12.05 43.22
CA ARG A 38 -19.52 -10.83 43.16
C ARG A 38 -20.88 -11.15 42.56
N LEU A 39 -21.94 -10.95 43.35
CA LEU A 39 -23.30 -11.17 42.91
C LEU A 39 -24.07 -9.88 43.08
N GLY A 40 -24.54 -9.32 41.99
CA GLY A 40 -25.28 -8.08 42.06
C GLY A 40 -25.92 -7.76 40.73
N THR A 41 -26.71 -6.69 40.74
CA THR A 41 -27.37 -6.21 39.55
C THR A 41 -26.80 -4.84 39.16
N GLY A 42 -27.02 -4.47 37.92
CA GLY A 42 -26.58 -3.16 37.45
C GLY A 42 -25.18 -3.09 36.91
N VAL A 43 -24.23 -3.68 37.62
CA VAL A 43 -22.83 -3.69 37.21
C VAL A 43 -22.57 -4.95 36.41
N VAL A 44 -22.15 -4.78 35.16
CA VAL A 44 -21.85 -5.92 34.30
C VAL A 44 -20.66 -5.60 33.40
N PRO A 45 -19.49 -6.17 33.68
CA PRO A 45 -18.31 -5.91 32.84
C PRO A 45 -18.04 -6.92 31.75
N ALA A 46 -18.81 -8.00 31.64
CA ALA A 46 -18.55 -8.98 30.61
C ALA A 46 -19.30 -8.70 29.32
N LEU A 47 -20.35 -7.89 29.38
CA LEU A 47 -21.10 -7.51 28.19
C LEU A 47 -20.49 -6.24 27.63
N GLN A 48 -19.99 -6.32 26.41
CA GLN A 48 -19.36 -5.18 25.77
C GLN A 48 -20.15 -4.79 24.54
N ALA A 49 -19.62 -3.85 23.76
CA ALA A 49 -20.22 -3.50 22.48
C ALA A 49 -19.07 -3.24 21.51
N ALA A 50 -18.85 -4.16 20.59
CA ALA A 50 -17.78 -4.01 19.62
C ALA A 50 -18.17 -3.10 18.46
N GLU A 51 -19.41 -2.62 18.44
CA GLU A 51 -19.87 -1.77 17.36
C GLU A 51 -19.31 -0.36 17.49
N THR A 52 -18.81 0.01 18.66
CA THR A 52 -18.29 1.33 18.88
C THR A 52 -16.87 1.50 18.37
N GLY A 53 -16.26 0.44 17.84
CA GLY A 53 -14.89 0.51 17.39
C GLY A 53 -13.86 0.57 18.48
N ALA A 54 -14.25 0.31 19.72
CA ALA A 54 -13.31 0.28 20.83
C ALA A 54 -13.12 -1.16 21.29
N SER A 55 -11.89 -1.50 21.64
CA SER A 55 -11.62 -2.83 22.15
C SER A 55 -12.14 -2.96 23.58
N SER A 56 -12.32 -4.21 24.00
CA SER A 56 -12.89 -4.48 25.31
C SER A 56 -11.91 -4.14 26.42
N ASN A 57 -12.45 -3.72 27.56
CA ASN A 57 -11.64 -3.30 28.70
C ASN A 57 -11.81 -4.24 29.89
N ALA A 58 -12.33 -5.44 29.67
CA ALA A 58 -12.51 -6.37 30.76
C ALA A 58 -11.19 -7.07 31.07
N SER A 59 -10.82 -7.06 32.34
CA SER A 59 -9.58 -7.68 32.79
C SER A 59 -9.86 -9.07 33.36
N ASP A 60 -8.88 -9.65 34.03
CA ASP A 60 -9.04 -10.97 34.61
C ASP A 60 -9.98 -10.95 35.81
N LYS A 61 -9.82 -9.94 36.66
CA LYS A 61 -10.50 -9.93 37.95
C LYS A 61 -11.98 -9.65 37.84
N ASN A 62 -12.42 -9.05 36.74
CA ASN A 62 -13.85 -8.82 36.54
C ASN A 62 -14.56 -10.03 35.96
N LEU A 63 -13.86 -11.10 35.68
CA LEU A 63 -14.47 -12.31 35.14
C LEU A 63 -14.29 -13.52 36.02
N ILE A 64 -13.09 -13.76 36.55
CA ILE A 64 -12.82 -14.90 37.39
C ILE A 64 -12.23 -14.41 38.71
N GLU A 65 -12.05 -15.32 39.65
CA GLU A 65 -11.39 -15.00 40.91
C GLU A 65 -9.91 -15.31 40.82
N THR A 66 -9.09 -14.34 41.16
CA THR A 66 -7.67 -14.38 40.88
C THR A 66 -6.88 -14.34 42.17
N ARG A 67 -5.59 -14.65 42.06
CA ARG A 67 -4.66 -14.48 43.16
C ARG A 67 -3.78 -13.28 42.86
N CYS A 68 -2.95 -12.88 43.82
CA CYS A 68 -2.04 -11.75 43.65
C CYS A 68 -0.80 -12.25 42.93
N VAL A 69 -0.44 -11.59 41.84
CA VAL A 69 0.69 -11.99 41.01
C VAL A 69 1.54 -10.76 40.75
N LEU A 70 2.81 -10.84 41.12
CA LEU A 70 3.75 -9.75 40.92
C LEU A 70 4.76 -10.17 39.87
N ASN A 71 4.48 -9.88 38.61
CA ASN A 71 5.36 -10.34 37.55
C ASN A 71 6.32 -9.25 37.13
N HIS A 72 7.57 -9.66 36.91
CA HIS A 72 8.63 -8.75 36.51
C HIS A 72 9.05 -8.99 35.07
N HIS A 73 8.08 -9.32 34.22
CA HIS A 73 8.37 -9.53 32.80
C HIS A 73 8.58 -8.19 32.12
N SER A 74 9.77 -8.00 31.56
CA SER A 74 10.10 -6.75 30.91
C SER A 74 9.42 -6.63 29.56
N THR A 75 9.28 -5.38 29.10
CA THR A 75 8.71 -5.08 27.79
C THR A 75 9.73 -4.42 26.87
N GLN A 76 11.01 -4.73 27.07
CA GLN A 76 12.05 -4.09 26.30
C GLN A 76 12.16 -4.67 24.90
N GLU A 77 11.91 -5.96 24.75
CA GLU A 77 12.13 -6.68 23.50
C GLU A 77 11.21 -6.23 22.38
N THR A 78 10.03 -5.73 22.71
CA THR A 78 9.06 -5.34 21.70
C THR A 78 9.09 -3.87 21.39
N ALA A 79 10.09 -3.13 21.89
CA ALA A 79 10.29 -1.77 21.43
C ALA A 79 10.71 -1.80 19.97
N ILE A 80 10.36 -0.73 19.25
CA ILE A 80 10.60 -0.76 17.81
C ILE A 80 12.08 -0.55 17.49
N GLY A 81 12.88 -0.09 18.44
CA GLY A 81 14.31 -0.04 18.22
C GLY A 81 14.94 -1.41 18.23
N ASN A 82 14.40 -2.34 19.02
CA ASN A 82 14.94 -3.69 19.04
C ASN A 82 14.36 -4.56 17.94
N PHE A 83 13.19 -4.22 17.42
CA PHE A 83 12.58 -5.01 16.36
C PHE A 83 13.31 -4.83 15.04
N PHE A 84 13.99 -3.71 14.85
CA PHE A 84 14.56 -3.35 13.57
C PHE A 84 16.07 -3.39 13.53
N SER A 85 16.74 -3.43 14.68
CA SER A 85 18.20 -3.35 14.73
C SER A 85 18.81 -4.74 14.48
N ARG A 86 18.61 -5.22 13.25
CA ARG A 86 19.11 -6.50 12.79
C ARG A 86 19.36 -6.38 11.30
N ALA A 87 20.59 -6.64 10.88
CA ALA A 87 20.97 -6.43 9.50
C ALA A 87 20.34 -7.48 8.60
N GLY A 88 19.69 -7.03 7.53
CA GLY A 88 19.11 -7.95 6.57
C GLY A 88 19.56 -7.63 5.16
N LEU A 89 19.54 -8.65 4.32
CA LEU A 89 20.04 -8.56 2.96
C LEU A 89 19.14 -7.70 2.10
N VAL A 90 19.71 -6.74 1.39
CA VAL A 90 18.94 -5.86 0.53
C VAL A 90 19.29 -5.99 -0.95
N SER A 91 20.47 -6.49 -1.32
CA SER A 91 20.85 -6.58 -2.72
C SER A 91 21.90 -7.63 -2.92
N ILE A 92 21.94 -8.20 -4.12
CA ILE A 92 23.04 -9.03 -4.58
C ILE A 92 23.45 -8.52 -5.95
N ILE A 93 24.71 -8.09 -6.07
CA ILE A 93 25.22 -7.46 -7.29
C ILE A 93 26.35 -8.32 -7.81
N THR A 94 26.33 -8.62 -9.11
CA THR A 94 27.29 -9.53 -9.70
C THR A 94 27.96 -8.89 -10.91
N MET A 95 29.28 -8.99 -10.98
CA MET A 95 30.08 -8.55 -12.12
C MET A 95 30.63 -9.78 -12.83
N PRO A 96 29.95 -10.29 -13.86
CA PRO A 96 30.36 -11.51 -14.56
C PRO A 96 31.65 -11.36 -15.35
N ASN A 102 27.78 -4.95 -17.23
CA ASN A 102 28.09 -6.07 -16.35
C ASN A 102 29.47 -6.63 -16.65
N THR A 103 29.76 -6.80 -17.94
CA THR A 103 30.98 -7.45 -18.38
C THR A 103 32.16 -6.49 -18.56
N ASP A 104 31.95 -5.19 -18.42
CA ASP A 104 32.98 -4.21 -18.69
C ASP A 104 33.65 -3.69 -17.42
N GLY A 105 33.63 -4.44 -16.34
CA GLY A 105 34.33 -4.07 -15.14
C GLY A 105 33.64 -3.06 -14.25
N TYR A 106 32.36 -2.78 -14.49
CA TYR A 106 31.62 -1.84 -13.67
C TYR A 106 30.14 -2.14 -13.77
N VAL A 107 29.39 -1.81 -12.71
CA VAL A 107 27.93 -1.86 -12.75
C VAL A 107 27.37 -0.57 -12.16
N ASN A 108 26.13 -0.28 -12.55
CA ASN A 108 25.33 0.80 -11.96
C ASN A 108 24.09 0.14 -11.41
N TRP A 109 23.81 0.37 -10.13
CA TRP A 109 22.65 -0.23 -9.49
C TRP A 109 21.81 0.86 -8.84
N ASP A 110 20.65 1.12 -9.44
CA ASP A 110 19.75 2.14 -8.91
C ASP A 110 19.15 1.68 -7.61
N ILE A 111 19.20 2.53 -6.59
CA ILE A 111 18.93 2.12 -5.22
C ILE A 111 17.45 1.85 -5.06
N ASP A 112 17.11 0.60 -4.77
CA ASP A 112 15.75 0.18 -4.46
C ASP A 112 15.82 -1.00 -3.52
N LEU A 113 15.58 -0.76 -2.24
CA LEU A 113 15.91 -1.72 -1.20
C LEU A 113 14.79 -2.70 -0.92
N MET A 114 13.89 -2.91 -1.87
CA MET A 114 12.73 -3.77 -1.65
C MET A 114 12.67 -4.91 -2.65
N GLY A 115 13.78 -5.59 -2.88
CA GLY A 115 13.80 -6.71 -3.79
C GLY A 115 13.88 -8.05 -3.08
N TYR A 116 13.82 -8.03 -1.75
CA TYR A 116 13.89 -9.25 -0.96
C TYR A 116 12.78 -9.23 0.08
N ALA A 117 12.03 -10.32 0.18
CA ALA A 117 10.75 -10.29 0.84
C ALA A 117 10.82 -10.31 2.35
N GLN A 118 11.98 -10.61 2.92
CA GLN A 118 12.02 -10.76 4.37
C GLN A 118 12.07 -9.42 5.08
N LEU A 119 12.92 -8.51 4.64
CA LEU A 119 12.97 -7.18 5.21
C LEU A 119 11.84 -6.29 4.71
N ARG A 120 11.26 -6.64 3.57
CA ARG A 120 10.15 -5.84 3.03
C ARG A 120 8.89 -6.00 3.86
N ARG A 121 8.62 -7.20 4.38
CA ARG A 121 7.41 -7.41 5.15
C ARG A 121 7.49 -6.73 6.51
N LYS A 122 8.71 -6.50 7.01
CA LYS A 122 8.83 -5.82 8.30
C LYS A 122 8.66 -4.32 8.15
N CYS A 123 9.27 -3.72 7.14
CA CYS A 123 9.14 -2.29 6.93
C CYS A 123 7.76 -1.88 6.47
N GLU A 124 7.02 -2.78 5.84
CA GLU A 124 5.68 -2.45 5.38
C GLU A 124 4.62 -2.69 6.44
N LEU A 125 5.00 -2.81 7.70
CA LEU A 125 4.01 -2.84 8.77
C LEU A 125 3.55 -1.43 9.10
N PHE A 126 4.37 -0.44 8.85
CA PHE A 126 4.04 0.95 9.09
C PHE A 126 3.90 1.71 7.78
N THR A 127 3.22 2.84 7.83
CA THR A 127 3.07 3.67 6.64
C THR A 127 4.24 4.64 6.49
N TYR A 128 4.61 5.32 7.57
CA TYR A 128 5.70 6.27 7.56
C TYR A 128 6.80 5.80 8.48
N MET A 129 8.05 6.04 8.10
CA MET A 129 9.18 5.65 8.92
C MET A 129 10.32 6.63 8.70
N ARG A 130 11.11 6.86 9.74
CA ARG A 130 12.18 7.85 9.72
C ARG A 130 13.34 7.33 10.55
N PHE A 131 14.49 7.13 9.92
CA PHE A 131 15.55 6.39 10.59
C PHE A 131 16.91 6.76 10.04
N ASP A 132 17.94 6.22 10.68
CA ASP A 132 19.31 6.22 10.18
C ASP A 132 19.68 4.80 9.78
N ALA A 133 20.51 4.67 8.77
CA ALA A 133 20.86 3.36 8.26
C ALA A 133 22.34 3.09 8.51
N GLU A 134 22.74 1.87 8.19
CA GLU A 134 24.12 1.42 8.37
C GLU A 134 24.32 0.24 7.42
N PHE A 135 25.17 0.39 6.43
CA PHE A 135 25.30 -0.59 5.38
C PHE A 135 26.61 -1.34 5.51
N THR A 136 26.59 -2.62 5.13
CA THR A 136 27.78 -3.46 5.17
C THR A 136 27.90 -4.18 3.84
N PHE A 137 29.10 -4.18 3.27
CA PHE A 137 29.33 -4.72 1.94
C PHE A 137 30.22 -5.95 2.04
N VAL A 138 29.65 -7.12 1.77
CA VAL A 138 30.36 -8.39 1.81
C VAL A 138 30.65 -8.79 0.36
N VAL A 139 31.91 -9.04 0.05
CA VAL A 139 32.33 -9.24 -1.32
C VAL A 139 33.18 -10.51 -1.40
N ALA A 140 32.95 -11.32 -2.43
CA ALA A 140 33.71 -12.53 -2.69
C ALA A 140 33.50 -12.91 -4.15
N LYS A 141 34.18 -13.98 -4.56
CA LYS A 141 33.90 -14.60 -5.85
C LYS A 141 32.58 -15.36 -5.75
N PRO A 142 32.00 -15.79 -6.88
CA PRO A 142 30.72 -16.52 -6.81
C PRO A 142 30.77 -17.90 -6.15
N ASN A 143 31.92 -18.37 -5.64
CA ASN A 143 31.94 -19.60 -4.85
C ASN A 143 32.36 -19.33 -3.41
N GLY A 144 32.75 -18.10 -3.10
CA GLY A 144 33.24 -17.77 -1.77
C GLY A 144 34.74 -17.57 -1.67
N VAL A 145 35.51 -17.98 -2.67
CA VAL A 145 36.95 -17.89 -2.61
C VAL A 145 37.40 -16.43 -2.74
N LEU A 146 38.32 -16.02 -1.89
CA LEU A 146 38.80 -14.64 -1.87
C LEU A 146 40.16 -14.54 -2.56
N VAL A 147 40.33 -13.48 -3.35
CA VAL A 147 41.59 -13.18 -4.03
C VAL A 147 41.96 -11.74 -3.73
N PRO A 148 43.24 -11.36 -3.77
CA PRO A 148 43.60 -9.95 -3.57
C PRO A 148 43.28 -9.11 -4.80
N GLN A 149 42.34 -8.19 -4.63
CA GLN A 149 41.81 -7.39 -5.72
C GLN A 149 41.24 -6.10 -5.14
N LEU A 150 41.56 -4.97 -5.76
CA LEU A 150 41.16 -3.66 -5.26
C LEU A 150 39.86 -3.24 -5.90
N LEU A 151 38.96 -2.69 -5.10
CA LEU A 151 37.62 -2.32 -5.54
C LEU A 151 37.31 -0.90 -5.09
N GLN A 152 36.29 -0.31 -5.71
CA GLN A 152 35.85 1.03 -5.33
C GLN A 152 34.34 1.12 -5.46
N TYR A 153 33.67 1.52 -4.38
CA TYR A 153 32.25 1.79 -4.38
C TYR A 153 32.04 3.29 -4.34
N MET A 154 31.07 3.78 -5.10
CA MET A 154 30.80 5.21 -5.13
C MET A 154 29.31 5.44 -5.03
N TYR A 155 28.90 6.35 -4.16
CA TYR A 155 27.51 6.73 -4.02
C TYR A 155 27.24 7.97 -4.85
N VAL A 156 26.28 7.86 -5.77
CA VAL A 156 25.95 8.92 -6.70
C VAL A 156 24.59 9.49 -6.29
N PRO A 157 24.53 10.71 -5.77
CA PRO A 157 23.25 11.32 -5.41
C PRO A 157 22.45 11.64 -6.66
N PRO A 158 21.13 11.85 -6.55
CA PRO A 158 20.31 12.05 -7.75
C PRO A 158 20.61 13.37 -8.44
N GLY A 159 20.90 13.28 -9.74
CA GLY A 159 21.23 14.43 -10.55
C GLY A 159 22.69 14.47 -10.98
N ALA A 160 23.57 13.81 -10.23
CA ALA A 160 24.97 13.78 -10.56
C ALA A 160 25.21 12.90 -11.79
N PRO A 161 26.27 13.16 -12.55
CA PRO A 161 26.57 12.30 -13.70
C PRO A 161 27.06 10.93 -13.26
N LYS A 162 26.44 9.91 -13.83
CA LYS A 162 26.80 8.54 -13.50
C LYS A 162 27.89 8.05 -14.44
N PRO A 163 28.76 7.16 -13.98
CA PRO A 163 29.87 6.70 -14.82
C PRO A 163 29.38 5.80 -15.95
N THR A 164 30.03 5.93 -17.10
CA THR A 164 29.70 5.15 -18.28
C THR A 164 30.77 4.16 -18.68
N SER A 165 31.93 4.18 -18.03
CA SER A 165 33.00 3.25 -18.34
C SER A 165 33.86 3.05 -17.11
N ARG A 166 34.76 2.07 -17.20
CA ARG A 166 35.70 1.80 -16.13
C ARG A 166 36.70 2.93 -15.94
N ASP A 167 36.97 3.70 -16.98
CA ASP A 167 37.97 4.75 -16.97
C ASP A 167 37.34 6.11 -17.25
N SER A 168 36.11 6.31 -16.78
CA SER A 168 35.42 7.57 -16.99
C SER A 168 35.96 8.64 -16.05
N PHE A 169 35.54 9.88 -16.28
CA PHE A 169 35.93 10.97 -15.42
C PHE A 169 35.11 11.02 -14.14
N ALA A 170 34.03 10.25 -14.06
CA ALA A 170 33.17 10.34 -12.89
C ALA A 170 33.80 9.72 -11.66
N TRP A 171 34.80 8.87 -11.84
CA TRP A 171 35.45 8.18 -10.75
C TRP A 171 36.50 9.03 -10.06
N GLN A 172 36.65 10.30 -10.43
CA GLN A 172 37.61 11.17 -9.76
C GLN A 172 37.15 11.59 -8.37
N THR A 173 35.88 11.35 -8.04
CA THR A 173 35.23 11.49 -6.72
C THR A 173 35.64 12.74 -5.94
N ALA A 174 35.54 13.88 -6.59
CA ALA A 174 35.92 15.14 -5.94
C ALA A 174 34.97 15.52 -4.83
N THR A 175 33.69 15.18 -4.94
CA THR A 175 32.72 15.45 -3.88
C THR A 175 31.81 14.26 -3.58
N ASN A 176 31.68 13.32 -4.51
CA ASN A 176 30.93 12.11 -4.22
C ASN A 176 31.69 11.26 -3.21
N PRO A 177 31.02 10.76 -2.17
CA PRO A 177 31.71 9.87 -1.23
C PRO A 177 32.01 8.53 -1.86
N SER A 178 33.24 8.05 -1.64
CA SER A 178 33.67 6.78 -2.19
C SER A 178 34.41 6.00 -1.14
N VAL A 179 34.42 4.68 -1.28
CA VAL A 179 35.13 3.79 -0.37
C VAL A 179 36.04 2.89 -1.20
N PHE A 180 37.31 2.83 -0.82
CA PHE A 180 38.28 1.93 -1.43
C PHE A 180 38.53 0.79 -0.46
N VAL A 181 38.54 -0.44 -0.97
CA VAL A 181 38.73 -1.60 -0.13
C VAL A 181 39.34 -2.70 -1.00
N LYS A 182 40.09 -3.60 -0.37
CA LYS A 182 40.51 -4.80 -1.06
C LYS A 182 39.75 -5.98 -0.48
N MET A 183 39.71 -7.06 -1.26
CA MET A 183 38.76 -8.15 -0.98
C MET A 183 39.15 -8.96 0.25
N THR A 184 40.40 -8.92 0.67
CA THR A 184 40.84 -9.65 1.84
C THR A 184 40.72 -8.87 3.14
N ASP A 185 39.86 -7.86 3.18
CA ASP A 185 39.62 -7.11 4.40
C ASP A 185 38.43 -7.67 5.15
N PRO A 186 38.13 -7.16 6.35
CA PRO A 186 36.77 -7.18 6.86
C PRO A 186 35.85 -6.39 5.97
N PRO A 187 34.54 -6.65 6.02
CA PRO A 187 33.60 -5.88 5.20
C PRO A 187 33.56 -4.41 5.60
N ALA A 188 33.22 -3.58 4.63
CA ALA A 188 33.20 -2.14 4.86
C ALA A 188 31.87 -1.72 5.46
N GLN A 189 31.92 -0.79 6.40
CA GLN A 189 30.72 -0.31 7.06
C GLN A 189 30.70 1.20 7.05
N VAL A 190 29.54 1.76 6.70
CA VAL A 190 29.32 3.19 6.66
C VAL A 190 28.02 3.49 7.40
N SER A 191 27.76 4.76 7.60
CA SER A 191 26.57 5.22 8.29
C SER A 191 25.94 6.37 7.52
N VAL A 192 24.64 6.26 7.28
CA VAL A 192 23.92 7.16 6.38
C VAL A 192 22.91 7.94 7.23
N PRO A 193 22.74 9.24 7.01
CA PRO A 193 21.71 9.97 7.74
C PRO A 193 20.33 9.80 7.16
N PHE A 194 19.37 10.56 7.67
CA PHE A 194 18.04 10.63 7.07
C PHE A 194 18.03 11.72 6.01
N MET A 195 17.88 11.34 4.75
CA MET A 195 18.18 12.26 3.67
C MET A 195 17.00 12.44 2.73
N SER A 196 15.89 12.66 3.25
CA SER A 196 14.72 12.88 2.41
C SER A 196 14.36 14.35 2.37
N PRO A 197 13.72 14.81 1.30
CA PRO A 197 13.16 16.17 1.33
C PRO A 197 11.94 16.29 2.22
N ALA A 198 11.22 15.20 2.44
CA ALA A 198 10.05 15.22 3.30
C ALA A 198 10.46 14.99 4.74
N SER A 199 9.49 14.71 5.60
CA SER A 199 9.81 14.51 7.00
C SER A 199 9.85 13.05 7.41
N ALA A 200 9.55 12.14 6.49
CA ALA A 200 9.62 10.71 6.74
C ALA A 200 9.66 10.01 5.39
N TYR A 201 10.11 8.76 5.39
CA TYR A 201 9.93 7.94 4.21
C TYR A 201 8.53 7.38 4.22
N GLN A 202 7.97 7.15 3.05
CA GLN A 202 6.68 6.47 2.98
C GLN A 202 6.74 5.37 1.95
N TRP A 203 6.26 4.21 2.35
CA TRP A 203 6.34 3.01 1.52
C TRP A 203 5.13 2.88 0.61
N PHE A 204 4.05 3.60 0.89
CA PHE A 204 2.84 3.56 0.11
C PHE A 204 2.45 4.96 -0.28
N TYR A 205 2.41 5.24 -1.58
CA TYR A 205 2.07 6.56 -2.07
C TYR A 205 0.89 6.42 -3.03
N ASP A 206 -0.26 6.94 -2.63
CA ASP A 206 -1.48 6.87 -3.44
C ASP A 206 -1.55 8.14 -4.27
N GLY A 207 -1.16 8.05 -5.52
CA GLY A 207 -1.30 9.18 -6.42
C GLY A 207 -0.20 9.17 -7.46
N TYR A 208 -0.29 10.13 -8.35
CA TYR A 208 0.61 10.39 -9.45
C TYR A 208 1.53 11.55 -9.10
N PRO A 209 2.80 11.48 -9.43
CA PRO A 209 3.73 12.53 -9.00
C PRO A 209 3.65 13.78 -9.85
N THR A 210 3.16 13.66 -11.07
CA THR A 210 3.20 14.74 -12.05
C THR A 210 1.81 15.31 -12.26
N PHE A 211 1.76 16.42 -12.99
CA PHE A 211 0.51 17.04 -13.38
C PHE A 211 0.15 16.65 -14.81
N GLY A 212 -1.04 17.06 -15.23
CA GLY A 212 -1.50 16.85 -16.58
C GLY A 212 -2.68 15.90 -16.63
N GLU A 213 -3.25 15.81 -17.83
CA GLU A 213 -4.34 14.86 -18.04
C GLU A 213 -3.77 13.46 -18.12
N HIS A 214 -4.39 12.54 -17.39
CA HIS A 214 -3.89 11.18 -17.27
C HIS A 214 -4.51 10.33 -18.36
N LEU A 215 -3.65 9.68 -19.13
CA LEU A 215 -4.03 8.82 -20.24
C LEU A 215 -3.44 7.46 -19.95
N GLN A 216 -3.43 6.58 -20.95
CA GLN A 216 -2.83 5.27 -20.77
C GLN A 216 -1.33 5.39 -20.51
N ALA A 217 -0.69 6.37 -21.15
CA ALA A 217 0.75 6.60 -20.94
C ALA A 217 1.02 7.11 -19.52
N ASN A 218 0.04 7.72 -18.88
CA ASN A 218 0.23 8.14 -17.51
C ASN A 218 -0.07 7.04 -16.50
N ASP A 219 -0.50 5.85 -16.96
CA ASP A 219 -0.83 4.78 -16.02
C ASP A 219 0.42 4.13 -15.45
N LEU A 220 1.57 4.37 -16.07
CA LEU A 220 2.79 3.70 -15.69
C LEU A 220 3.50 4.43 -14.56
N ASP A 221 2.89 5.49 -14.03
CA ASP A 221 3.54 6.36 -13.08
C ASP A 221 2.93 6.22 -11.69
N TYR A 222 1.82 5.50 -11.57
CA TYR A 222 1.04 5.41 -10.34
C TYR A 222 1.79 4.75 -9.20
N GLY A 223 1.88 5.44 -8.07
CA GLY A 223 2.49 4.88 -6.89
C GLY A 223 3.97 5.13 -6.74
N GLN A 224 4.54 6.06 -7.49
CA GLN A 224 5.97 6.34 -7.46
C GLN A 224 6.19 7.61 -6.67
N CYS A 225 6.76 7.48 -5.49
CA CYS A 225 7.04 8.71 -4.78
C CYS A 225 8.45 9.16 -5.09
N PRO A 226 8.64 10.40 -5.56
CA PRO A 226 9.99 10.89 -5.84
C PRO A 226 10.80 11.20 -4.60
N ASN A 227 10.18 11.27 -3.44
CA ASN A 227 10.92 11.55 -2.21
C ASN A 227 11.71 10.35 -1.70
N ASN A 228 11.57 9.19 -2.33
CA ASN A 228 12.28 8.01 -1.91
C ASN A 228 13.37 7.57 -2.87
N MET A 229 13.59 8.30 -3.96
CA MET A 229 14.65 7.95 -4.90
C MET A 229 15.96 8.59 -4.46
N MET A 230 16.96 7.76 -4.20
CA MET A 230 18.23 8.21 -3.64
C MET A 230 19.40 8.00 -4.58
N GLY A 231 19.16 7.93 -5.88
CA GLY A 231 20.26 7.87 -6.82
C GLY A 231 20.77 6.47 -7.06
N THR A 232 21.98 6.35 -7.60
CA THR A 232 22.54 5.05 -7.95
C THR A 232 23.69 4.74 -7.02
N PHE A 233 24.29 3.57 -7.24
CA PHE A 233 25.39 3.08 -6.44
C PHE A 233 26.29 2.28 -7.36
N SER A 234 27.53 2.72 -7.52
CA SER A 234 28.39 2.22 -8.59
C SER A 234 29.61 1.56 -8.01
N ILE A 235 29.94 0.36 -8.51
CA ILE A 235 31.16 -0.33 -8.11
C ILE A 235 31.98 -0.61 -9.36
N ARG A 236 33.29 -0.78 -9.17
CA ARG A 236 34.21 -1.07 -10.26
C ARG A 236 35.50 -1.63 -9.69
N THR A 237 36.31 -2.21 -10.57
CA THR A 237 37.68 -2.58 -10.24
C THR A 237 38.61 -1.46 -10.65
N VAL A 238 39.52 -1.12 -9.75
CA VAL A 238 40.21 0.18 -9.80
C VAL A 238 41.22 0.24 -10.95
N GLY A 239 41.64 -0.91 -11.45
CA GLY A 239 42.57 -0.92 -12.56
C GLY A 239 41.96 -0.43 -13.86
N THR A 240 42.82 -0.26 -14.86
CA THR A 240 42.37 0.25 -16.14
C THR A 240 42.28 -0.80 -17.23
N GLU A 241 42.75 -2.02 -17.00
CA GLU A 241 42.54 -3.09 -17.96
C GLU A 241 41.55 -4.11 -17.40
N LYS A 242 41.37 -5.18 -18.16
CA LYS A 242 40.44 -6.24 -17.80
C LYS A 242 41.00 -7.05 -16.64
N SER A 243 40.21 -7.17 -15.58
CA SER A 243 40.59 -8.05 -14.48
C SER A 243 40.09 -9.47 -14.76
N PRO A 244 40.86 -10.48 -14.36
CA PRO A 244 40.46 -11.87 -14.64
C PRO A 244 39.57 -12.53 -13.59
N HIS A 245 38.95 -11.77 -12.68
CA HIS A 245 38.16 -12.36 -11.61
C HIS A 245 36.71 -11.90 -11.69
N SER A 246 35.83 -12.72 -11.14
CA SER A 246 34.42 -12.38 -11.03
C SER A 246 34.10 -11.94 -9.61
N ILE A 247 33.14 -11.03 -9.48
CA ILE A 247 32.81 -10.39 -8.22
C ILE A 247 31.35 -10.66 -7.91
N THR A 248 31.05 -10.85 -6.63
CA THR A 248 29.67 -10.94 -6.15
C THR A 248 29.54 -10.19 -4.85
N LEU A 249 28.72 -9.15 -4.84
CA LEU A 249 28.58 -8.26 -3.70
C LEU A 249 27.23 -8.46 -3.03
N ARG A 250 27.22 -8.43 -1.70
CA ARG A 250 26.01 -8.52 -0.91
C ARG A 250 25.98 -7.35 0.05
N VAL A 251 24.82 -6.71 0.16
CA VAL A 251 24.66 -5.53 1.01
C VAL A 251 23.66 -5.86 2.10
N TYR A 252 24.00 -5.52 3.34
CA TYR A 252 23.17 -5.74 4.52
C TYR A 252 22.92 -4.40 5.19
N MET A 253 21.72 -4.21 5.73
CA MET A 253 21.35 -2.90 6.26
C MET A 253 20.75 -3.01 7.65
N ARG A 254 21.32 -2.29 8.61
CA ARG A 254 20.71 -2.10 9.91
C ARG A 254 19.92 -0.81 9.94
N ILE A 255 19.03 -0.68 10.92
CA ILE A 255 18.16 0.47 11.03
C ILE A 255 18.23 0.98 12.45
N LYS A 256 18.68 2.23 12.62
CA LYS A 256 18.87 2.84 13.93
C LYS A 256 18.05 4.12 14.03
N HIS A 257 17.74 4.49 15.27
CA HIS A 257 17.06 5.74 15.63
C HIS A 257 15.69 5.85 14.94
N VAL A 258 14.80 4.93 15.27
CA VAL A 258 13.61 4.70 14.47
C VAL A 258 12.42 5.45 15.05
N ARG A 259 11.63 6.08 14.18
CA ARG A 259 10.30 6.54 14.52
C ARG A 259 9.36 6.01 13.45
N ALA A 260 8.16 5.59 13.85
CA ALA A 260 7.22 4.99 12.93
C ALA A 260 5.81 5.42 13.27
N TRP A 261 4.97 5.52 12.24
CA TRP A 261 3.62 6.05 12.38
C TRP A 261 2.65 5.20 11.59
N ILE A 262 1.43 5.07 12.12
CA ILE A 262 0.24 4.53 11.44
C ILE A 262 0.43 3.10 10.95
N PRO A 263 0.27 2.10 11.83
CA PRO A 263 0.41 0.71 11.40
C PRO A 263 -0.65 0.27 10.39
N ARG A 264 -0.31 -0.78 9.67
CA ARG A 264 -1.07 -1.29 8.53
C ARG A 264 -1.22 -2.80 8.68
N PRO A 265 -2.13 -3.42 7.92
CA PRO A 265 -2.13 -4.88 7.83
C PRO A 265 -0.87 -5.42 7.20
N LEU A 266 -0.53 -6.65 7.56
CA LEU A 266 0.63 -7.34 7.02
C LEU A 266 0.23 -8.19 5.83
N ARG A 267 1.07 -8.18 4.80
CA ARG A 267 0.74 -8.82 3.53
C ARG A 267 0.77 -10.33 3.66
N ASN A 268 -0.21 -11.00 3.07
CA ASN A 268 -0.29 -12.45 3.13
C ASN A 268 -0.14 -13.12 1.77
N GLN A 269 0.09 -12.35 0.72
CA GLN A 269 0.32 -12.90 -0.61
C GLN A 269 1.76 -12.69 -1.02
N PRO A 270 2.35 -13.60 -1.78
CA PRO A 270 3.75 -13.44 -2.19
C PRO A 270 3.92 -12.32 -3.20
N TYR A 271 5.05 -11.63 -3.08
CA TYR A 271 5.33 -10.46 -3.91
C TYR A 271 5.69 -10.86 -5.33
N LEU A 272 5.49 -9.93 -6.25
CA LEU A 272 5.82 -10.15 -7.64
C LEU A 272 6.80 -9.14 -8.22
N PHE A 273 6.65 -7.87 -7.89
CA PHE A 273 7.48 -6.81 -8.44
C PHE A 273 7.97 -5.91 -7.33
N LYS A 274 8.92 -5.04 -7.67
CA LYS A 274 9.59 -4.22 -6.68
C LYS A 274 8.88 -2.92 -6.38
N THR A 275 7.89 -2.52 -7.17
CA THR A 275 7.36 -1.17 -7.09
C THR A 275 5.88 -1.09 -6.81
N ASN A 276 5.14 -2.19 -6.81
CA ASN A 276 3.70 -2.12 -6.71
C ASN A 276 3.14 -3.33 -5.96
N PRO A 277 1.96 -3.20 -5.37
CA PRO A 277 1.37 -4.33 -4.64
C PRO A 277 0.62 -5.35 -5.49
N ASN A 278 0.91 -5.44 -6.80
CA ASN A 278 0.29 -6.44 -7.65
C ASN A 278 0.55 -7.86 -7.14
N TYR A 279 -0.46 -8.70 -7.25
CA TYR A 279 -0.41 -10.07 -6.78
C TYR A 279 -0.91 -10.99 -7.89
N LYS A 280 -0.57 -12.27 -7.77
CA LYS A 280 -1.02 -13.26 -8.73
C LYS A 280 -2.46 -13.64 -8.42
N GLY A 281 -3.37 -13.32 -9.32
CA GLY A 281 -4.78 -13.41 -9.05
C GLY A 281 -5.42 -14.76 -9.23
N ASN A 282 -4.67 -15.77 -9.65
CA ASN A 282 -5.27 -17.08 -9.87
C ASN A 282 -5.29 -17.92 -8.61
N ASP A 283 -4.16 -18.04 -7.92
CA ASP A 283 -4.11 -18.79 -6.67
C ASP A 283 -4.08 -17.82 -5.49
N ILE A 284 -5.27 -17.37 -5.09
CA ILE A 284 -5.38 -16.54 -3.90
C ILE A 284 -5.17 -17.45 -2.70
N LYS A 285 -4.05 -17.26 -2.02
CA LYS A 285 -3.73 -18.08 -0.87
C LYS A 285 -4.58 -17.66 0.32
N CYS A 286 -5.23 -18.63 0.95
CA CYS A 286 -5.96 -18.36 2.17
C CYS A 286 -4.98 -18.13 3.31
N THR A 287 -5.30 -17.17 4.18
CA THR A 287 -4.34 -16.80 5.21
C THR A 287 -4.24 -17.82 6.32
N SER A 288 -5.20 -18.73 6.42
CA SER A 288 -5.17 -19.78 7.42
C SER A 288 -5.10 -21.14 6.76
N THR A 289 -4.66 -22.13 7.52
CA THR A 289 -4.66 -23.50 7.05
C THR A 289 -6.01 -24.13 7.37
N SER A 290 -6.56 -24.85 6.41
CA SER A 290 -7.92 -25.35 6.55
C SER A 290 -7.94 -26.69 7.26
N ARG A 291 -9.09 -27.01 7.84
CA ARG A 291 -9.33 -28.31 8.45
C ARG A 291 -10.58 -28.93 7.86
N ASP A 292 -10.94 -30.12 8.31
CA ASP A 292 -12.04 -30.86 7.69
C ASP A 292 -13.41 -30.40 8.19
N LYS A 293 -13.66 -30.57 9.49
CA LYS A 293 -14.94 -30.22 10.09
C LYS A 293 -14.75 -29.16 11.16
N ILE A 294 -15.83 -28.44 11.45
CA ILE A 294 -15.72 -27.31 12.37
C ILE A 294 -15.78 -27.75 13.83
N THR A 295 -16.37 -28.90 14.12
CA THR A 295 -16.48 -29.34 15.50
C THR A 295 -15.27 -30.15 15.96
N THR A 296 -14.64 -30.88 15.06
CA THR A 296 -13.48 -31.69 15.42
C THR A 296 -12.23 -31.00 14.91
N LEU A 297 -11.38 -30.58 15.83
CA LEU A 297 -10.10 -30.01 15.45
C LEU A 297 -9.14 -31.11 14.98
N SER B 10 -29.69 7.50 26.80
CA SER B 10 -29.35 8.92 26.61
C SER B 10 -28.12 9.07 25.74
N ASP B 11 -27.36 7.98 25.58
CA ASP B 11 -26.15 7.99 24.77
C ASP B 11 -26.44 7.53 23.34
N ARG B 12 -27.63 6.99 23.09
CA ARG B 12 -27.98 6.50 21.77
C ARG B 12 -28.24 7.61 20.77
N VAL B 13 -28.62 8.79 21.23
CA VAL B 13 -28.98 9.88 20.34
C VAL B 13 -27.81 10.85 20.22
N ALA B 14 -27.74 11.53 19.09
CA ALA B 14 -26.62 12.41 18.80
C ALA B 14 -27.07 13.43 17.77
N GLN B 15 -26.33 14.54 17.72
CA GLN B 15 -26.58 15.57 16.72
C GLN B 15 -25.28 16.28 16.41
N LEU B 16 -24.92 16.32 15.14
CA LEU B 16 -23.69 16.94 14.68
C LEU B 16 -24.06 18.16 13.85
N THR B 17 -23.61 19.34 14.27
CA THR B 17 -23.86 20.55 13.52
C THR B 17 -22.55 21.25 13.23
N ILE B 18 -22.29 21.48 11.95
CA ILE B 18 -21.12 22.24 11.52
C ILE B 18 -21.48 22.90 10.20
N GLY B 19 -21.23 24.19 10.12
CA GLY B 19 -21.63 24.95 8.95
C GLY B 19 -23.06 25.34 9.06
N ASN B 20 -23.83 25.14 7.99
CA ASN B 20 -25.27 25.37 8.00
C ASN B 20 -26.04 24.07 7.84
N SER B 21 -25.43 22.95 8.23
CA SER B 21 -26.03 21.64 8.06
C SER B 21 -26.01 20.90 9.39
N THR B 22 -26.90 19.93 9.52
CA THR B 22 -27.14 19.25 10.78
C THR B 22 -27.52 17.81 10.51
N ILE B 23 -26.85 16.88 11.17
CA ILE B 23 -27.19 15.46 11.10
C ILE B 23 -27.70 15.04 12.46
N THR B 24 -28.90 14.48 12.49
CA THR B 24 -29.49 13.91 13.70
C THR B 24 -29.65 12.41 13.53
N THR B 25 -29.45 11.68 14.62
CA THR B 25 -29.61 10.23 14.59
C THR B 25 -30.11 9.78 15.93
N GLN B 26 -30.71 8.58 15.97
CA GLN B 26 -31.34 8.10 17.19
C GLN B 26 -30.86 6.74 17.62
N GLU B 27 -30.27 5.96 16.72
CA GLU B 27 -29.70 4.66 17.03
C GLU B 27 -28.23 4.74 16.66
N ALA B 28 -27.42 5.30 17.54
CA ALA B 28 -26.02 5.56 17.25
C ALA B 28 -25.15 4.88 18.29
N ALA B 29 -23.94 4.52 17.86
CA ALA B 29 -22.86 4.20 18.78
C ALA B 29 -22.16 5.50 19.15
N ASN B 30 -20.96 5.42 19.69
CA ASN B 30 -20.24 6.63 20.03
C ASN B 30 -19.61 7.24 18.77
N ILE B 31 -18.86 8.31 18.95
CA ILE B 31 -18.11 8.93 17.87
C ILE B 31 -16.65 8.51 18.01
N VAL B 32 -16.00 8.19 16.91
CA VAL B 32 -14.62 7.72 16.93
C VAL B 32 -13.72 8.85 16.44
N ILE B 33 -12.74 9.21 17.26
CA ILE B 33 -11.71 10.16 16.86
C ILE B 33 -10.44 9.37 16.59
N ALA B 34 -10.00 9.38 15.34
CA ALA B 34 -8.91 8.52 14.90
C ALA B 34 -7.60 8.98 15.53
N TYR B 35 -6.93 8.06 16.21
CA TYR B 35 -5.65 8.25 16.90
C TYR B 35 -5.70 9.33 17.98
N GLY B 36 -6.89 9.61 18.51
CA GLY B 36 -7.02 10.54 19.62
C GLY B 36 -6.66 11.98 19.31
N GLU B 37 -6.67 12.37 18.05
CA GLU B 37 -6.23 13.70 17.65
C GLU B 37 -7.36 14.42 16.95
N TRP B 38 -7.58 15.67 17.32
CA TRP B 38 -8.56 16.52 16.68
C TRP B 38 -7.93 17.28 15.52
N PRO B 39 -8.69 17.54 14.45
CA PRO B 39 -8.15 18.36 13.36
C PRO B 39 -7.98 19.80 13.78
N GLU B 40 -6.88 20.40 13.35
CA GLU B 40 -6.55 21.77 13.70
C GLU B 40 -5.74 22.39 12.57
N TYR B 41 -5.48 23.69 12.71
CA TYR B 41 -4.69 24.41 11.73
C TYR B 41 -3.20 24.12 11.90
N CYS B 42 -2.43 24.41 10.87
CA CYS B 42 -1.01 24.13 10.90
C CYS B 42 -0.26 25.22 11.66
N PRO B 43 0.46 24.90 12.72
CA PRO B 43 1.14 25.93 13.50
C PRO B 43 2.36 26.47 12.77
N ASP B 44 2.90 27.58 13.30
CA ASP B 44 4.02 28.24 12.63
C ASP B 44 5.32 27.50 12.81
N THR B 45 5.39 26.54 13.72
CA THR B 45 6.59 25.74 13.87
C THR B 45 6.76 24.74 12.74
N ASP B 46 5.66 24.18 12.24
CA ASP B 46 5.72 23.13 11.24
C ASP B 46 5.49 23.65 9.83
N ALA B 47 5.08 24.90 9.68
CA ALA B 47 4.78 25.44 8.37
C ALA B 47 6.06 25.80 7.63
N THR B 48 5.99 25.70 6.30
CA THR B 48 7.18 25.99 5.49
C THR B 48 6.89 27.00 4.38
N ALA B 49 5.66 27.01 3.86
CA ALA B 49 5.31 27.97 2.83
C ALA B 49 5.23 29.37 3.42
N VAL B 50 5.55 30.35 2.60
CA VAL B 50 5.72 31.72 3.08
C VAL B 50 4.44 32.55 3.00
N ASP B 51 3.64 32.39 1.94
CA ASP B 51 2.45 33.20 1.77
C ASP B 51 1.37 32.88 2.80
N LYS B 52 0.42 33.78 2.91
CA LYS B 52 -0.64 33.59 3.90
C LYS B 52 -1.69 32.65 3.35
N PRO B 53 -2.09 31.63 4.10
CA PRO B 53 -3.14 30.74 3.62
C PRO B 53 -4.52 31.33 3.85
N THR B 54 -5.46 30.89 3.03
CA THR B 54 -6.84 31.33 3.14
C THR B 54 -7.64 30.31 3.94
N ARG B 55 -8.63 30.79 4.66
CA ARG B 55 -9.46 29.94 5.52
C ARG B 55 -10.91 30.36 5.34
N PRO B 56 -11.64 29.76 4.40
CA PRO B 56 -13.03 30.19 4.17
C PRO B 56 -13.96 29.79 5.29
N ASP B 57 -13.89 28.52 5.72
CA ASP B 57 -14.38 27.95 6.97
C ASP B 57 -15.87 28.08 7.28
N VAL B 58 -16.67 28.62 6.38
CA VAL B 58 -18.11 28.54 6.57
C VAL B 58 -18.68 27.86 5.34
N SER B 59 -18.14 28.21 4.19
CA SER B 59 -18.60 27.67 2.92
C SER B 59 -17.96 26.34 2.58
N VAL B 60 -16.90 25.94 3.26
CA VAL B 60 -16.24 24.68 2.97
C VAL B 60 -16.32 23.69 4.11
N ASN B 61 -16.62 24.13 5.34
CA ASN B 61 -16.71 23.21 6.46
C ASN B 61 -18.18 22.89 6.74
N ARG B 62 -18.74 22.01 5.92
CA ARG B 62 -20.15 21.66 6.01
C ARG B 62 -20.34 20.27 5.44
N PHE B 63 -21.49 19.68 5.70
CA PHE B 63 -21.73 18.29 5.35
C PHE B 63 -22.08 18.14 3.89
N PHE B 64 -21.34 17.28 3.18
CA PHE B 64 -21.59 16.99 1.78
C PHE B 64 -22.06 15.55 1.63
N THR B 65 -23.07 15.34 0.80
CA THR B 65 -23.73 14.05 0.67
C THR B 65 -23.46 13.49 -0.72
N LEU B 66 -22.85 12.32 -0.78
CA LEU B 66 -22.50 11.70 -2.04
C LEU B 66 -23.68 10.88 -2.55
N ASP B 67 -23.47 10.05 -3.55
CA ASP B 67 -24.53 9.24 -4.12
C ASP B 67 -24.87 8.06 -3.20
N THR B 68 -25.81 7.24 -3.64
CA THR B 68 -26.39 6.19 -2.82
C THR B 68 -26.19 4.84 -3.48
N LYS B 69 -25.64 3.90 -2.74
CA LYS B 69 -25.44 2.54 -3.22
C LYS B 69 -26.59 1.66 -2.78
N SER B 70 -26.67 0.47 -3.35
CA SER B 70 -27.74 -0.46 -3.05
C SER B 70 -27.14 -1.79 -2.59
N TRP B 71 -27.46 -2.17 -1.36
CA TRP B 71 -26.95 -3.40 -0.76
C TRP B 71 -27.80 -4.56 -1.24
N ALA B 72 -27.25 -5.36 -2.13
CA ALA B 72 -27.93 -6.56 -2.60
C ALA B 72 -27.54 -7.73 -1.71
N LYS B 73 -28.12 -8.89 -1.96
CA LYS B 73 -27.77 -10.06 -1.16
C LYS B 73 -26.43 -10.66 -1.55
N ASP B 74 -25.84 -10.24 -2.65
CA ASP B 74 -24.55 -10.76 -3.11
C ASP B 74 -23.63 -9.62 -3.50
N SER B 75 -23.56 -8.60 -2.65
CA SER B 75 -22.69 -7.46 -2.88
C SER B 75 -21.28 -7.78 -2.39
N LYS B 76 -20.30 -7.11 -2.99
CA LYS B 76 -18.91 -7.31 -2.62
C LYS B 76 -18.41 -6.23 -1.66
N GLY B 77 -18.60 -4.98 -1.99
CA GLY B 77 -18.10 -3.87 -1.21
C GLY B 77 -17.83 -2.69 -2.10
N TRP B 78 -17.53 -1.56 -1.48
CA TRP B 78 -17.26 -0.32 -2.20
C TRP B 78 -16.10 0.41 -1.53
N TYR B 79 -15.51 1.35 -2.26
CA TYR B 79 -14.47 2.20 -1.68
C TYR B 79 -14.51 3.59 -2.30
N TRP B 80 -14.16 4.58 -1.49
CA TRP B 80 -14.08 5.98 -1.91
C TRP B 80 -12.71 6.50 -1.57
N LYS B 81 -12.26 7.52 -2.31
CA LYS B 81 -10.95 8.12 -2.09
C LYS B 81 -11.10 9.58 -1.68
N PHE B 82 -10.22 10.04 -0.80
CA PHE B 82 -10.32 11.38 -0.28
C PHE B 82 -9.04 12.15 -0.54
N PRO B 83 -9.13 13.43 -0.96
CA PRO B 83 -10.32 14.24 -1.18
C PRO B 83 -10.79 14.24 -2.61
N ASP B 84 -10.69 13.10 -3.29
CA ASP B 84 -11.16 12.97 -4.67
C ASP B 84 -12.65 13.20 -4.80
N VAL B 85 -13.42 12.86 -3.77
CA VAL B 85 -14.88 12.91 -3.87
C VAL B 85 -15.38 14.34 -3.88
N LEU B 86 -14.61 15.28 -3.33
CA LEU B 86 -15.07 16.65 -3.18
C LEU B 86 -14.35 17.62 -4.10
N THR B 87 -13.76 17.16 -5.19
CA THR B 87 -13.06 18.07 -6.08
C THR B 87 -13.92 18.60 -7.20
N GLU B 88 -15.21 18.26 -7.22
CA GLU B 88 -16.10 18.79 -8.26
C GLU B 88 -17.38 19.38 -7.70
N VAL B 89 -17.55 19.41 -6.38
CA VAL B 89 -18.78 19.91 -5.77
C VAL B 89 -18.48 21.10 -4.87
N GLY B 90 -19.40 22.04 -4.83
CA GLY B 90 -19.39 23.11 -3.87
C GLY B 90 -18.30 24.16 -4.07
N VAL B 91 -18.05 24.88 -2.99
CA VAL B 91 -16.98 25.86 -2.94
C VAL B 91 -15.65 25.16 -2.65
N PHE B 92 -15.70 24.01 -1.98
CA PHE B 92 -14.51 23.15 -1.80
C PHE B 92 -13.96 22.71 -3.14
N GLY B 93 -14.82 22.36 -4.10
CA GLY B 93 -14.33 21.93 -5.39
C GLY B 93 -13.75 23.04 -6.23
N GLN B 94 -14.10 24.28 -5.94
CA GLN B 94 -13.57 25.41 -6.69
C GLN B 94 -12.30 25.95 -6.08
N ASN B 95 -12.19 25.93 -4.75
CA ASN B 95 -10.95 26.36 -4.12
C ASN B 95 -9.83 25.39 -4.40
N ALA B 96 -10.12 24.10 -4.51
CA ALA B 96 -9.11 23.10 -4.80
C ALA B 96 -8.61 23.16 -6.23
N GLN B 97 -9.36 23.76 -7.14
CA GLN B 97 -8.91 23.93 -8.51
C GLN B 97 -8.10 25.19 -8.72
N PHE B 98 -8.30 26.21 -7.89
CA PHE B 98 -7.61 27.47 -8.04
C PHE B 98 -6.37 27.57 -7.20
N HIS B 99 -6.18 26.66 -6.26
CA HIS B 99 -5.05 26.68 -5.36
C HIS B 99 -4.14 25.52 -5.67
N TYR B 100 -2.94 25.57 -5.12
CA TYR B 100 -1.95 24.54 -5.33
C TYR B 100 -1.79 23.62 -4.13
N LEU B 101 -1.98 24.12 -2.92
CA LEU B 101 -1.81 23.33 -1.71
C LEU B 101 -3.09 23.37 -0.90
N TYR B 102 -3.38 22.28 -0.19
CA TYR B 102 -4.50 22.27 0.73
C TYR B 102 -4.10 21.48 1.96
N ARG B 103 -4.88 21.61 3.02
CA ARG B 103 -4.66 20.83 4.23
C ARG B 103 -5.98 20.79 4.98
N SER B 104 -6.47 19.60 5.31
CA SER B 104 -7.78 19.52 5.94
C SER B 104 -7.92 18.21 6.69
N GLY B 105 -8.77 18.23 7.70
CA GLY B 105 -9.31 17.02 8.28
C GLY B 105 -10.66 16.70 7.69
N PHE B 106 -11.30 15.66 8.21
CA PHE B 106 -12.59 15.25 7.68
C PHE B 106 -13.47 14.71 8.78
N CYS B 107 -14.68 14.34 8.39
CA CYS B 107 -15.66 13.74 9.30
C CYS B 107 -16.62 12.93 8.45
N VAL B 108 -16.56 11.61 8.55
CA VAL B 108 -17.34 10.72 7.70
C VAL B 108 -18.51 10.18 8.48
N HIS B 109 -19.68 10.18 7.87
CA HIS B 109 -20.89 9.62 8.47
C HIS B 109 -21.54 8.72 7.45
N VAL B 110 -21.81 7.48 7.84
CA VAL B 110 -22.37 6.46 6.96
C VAL B 110 -23.71 6.01 7.51
N GLN B 111 -24.77 6.23 6.74
CA GLN B 111 -26.11 5.82 7.15
C GLN B 111 -26.53 4.58 6.38
N CYS B 112 -27.15 3.64 7.08
CA CYS B 112 -27.82 2.50 6.46
C CYS B 112 -28.81 1.96 7.46
N ASN B 113 -30.10 2.09 7.18
CA ASN B 113 -31.12 1.67 8.12
C ASN B 113 -31.94 0.55 7.52
N ALA B 114 -32.48 -0.30 8.38
CA ALA B 114 -33.37 -1.37 7.97
C ALA B 114 -34.33 -1.64 9.12
N SER B 115 -35.16 -2.66 8.97
CA SER B 115 -36.22 -2.93 9.92
C SER B 115 -35.68 -3.75 11.09
N LYS B 116 -36.59 -4.27 11.91
CA LYS B 116 -36.25 -5.20 12.96
C LYS B 116 -36.40 -6.64 12.53
N PHE B 117 -36.56 -6.89 11.23
CA PHE B 117 -36.65 -8.24 10.71
C PHE B 117 -35.57 -8.53 9.68
N HIS B 118 -34.68 -7.58 9.43
CA HIS B 118 -33.52 -7.77 8.58
C HIS B 118 -32.31 -8.07 9.44
N GLN B 119 -31.25 -8.55 8.81
CA GLN B 119 -30.01 -8.81 9.54
C GLN B 119 -28.82 -8.63 8.61
N GLY B 120 -27.69 -8.33 9.20
CA GLY B 120 -26.47 -8.07 8.44
C GLY B 120 -25.50 -7.28 9.26
N ALA B 121 -24.32 -7.07 8.68
CA ALA B 121 -23.26 -6.34 9.37
C ALA B 121 -22.31 -5.74 8.36
N LEU B 122 -22.01 -4.45 8.49
CA LEU B 122 -21.06 -3.75 7.65
C LEU B 122 -19.85 -3.34 8.48
N LEU B 123 -18.68 -3.37 7.88
CA LEU B 123 -17.46 -2.91 8.53
C LEU B 123 -16.99 -1.65 7.81
N VAL B 124 -17.04 -0.54 8.50
CA VAL B 124 -16.65 0.75 7.94
C VAL B 124 -15.29 1.14 8.47
N ALA B 125 -14.30 1.22 7.60
CA ALA B 125 -12.92 1.41 8.06
C ALA B 125 -12.24 2.47 7.21
N VAL B 126 -11.22 3.10 7.78
CA VAL B 126 -10.48 4.18 7.15
C VAL B 126 -9.02 3.78 7.04
N LEU B 127 -8.53 3.63 5.82
CA LEU B 127 -7.18 3.14 5.58
C LEU B 127 -6.36 4.19 4.86
N PRO B 128 -5.38 4.81 5.50
CA PRO B 128 -4.59 5.84 4.83
C PRO B 128 -3.58 5.25 3.87
N GLU B 129 -3.40 5.97 2.75
CA GLU B 129 -2.57 5.57 1.62
C GLU B 129 -2.95 4.18 1.11
N TYR B 130 -4.23 4.06 0.77
CA TYR B 130 -4.77 2.80 0.28
C TYR B 130 -4.40 2.65 -1.18
N VAL B 131 -3.26 2.01 -1.43
CA VAL B 131 -2.77 1.83 -2.78
C VAL B 131 -3.38 0.55 -3.34
N LEU B 132 -3.95 0.65 -4.54
CA LEU B 132 -4.61 -0.50 -5.12
C LEU B 132 -3.61 -1.37 -5.87
N GLY B 133 -4.09 -2.55 -6.27
CA GLY B 133 -3.27 -3.48 -7.01
C GLY B 133 -4.10 -4.18 -8.07
N THR B 134 -3.42 -4.97 -8.88
CA THR B 134 -4.03 -5.68 -9.99
C THR B 134 -3.68 -7.16 -9.86
N ILE B 135 -4.43 -8.01 -10.57
CA ILE B 135 -4.26 -9.44 -10.50
C ILE B 135 -3.14 -9.94 -11.41
N ALA B 136 -2.36 -9.02 -12.00
CA ALA B 136 -1.21 -9.32 -12.85
C ALA B 136 -1.57 -10.20 -14.04
N GLY B 137 -2.74 -9.94 -14.63
CA GLY B 137 -3.21 -10.74 -15.74
C GLY B 137 -3.68 -12.13 -15.38
N GLY B 138 -3.79 -12.43 -14.10
CA GLY B 138 -4.22 -13.74 -13.67
C GLY B 138 -3.07 -14.69 -13.48
N THR B 139 -2.21 -14.80 -14.50
CA THR B 139 -1.10 -15.74 -14.47
C THR B 139 0.05 -15.27 -13.61
N GLY B 140 0.18 -13.97 -13.36
CA GLY B 140 1.22 -13.45 -12.51
C GLY B 140 2.49 -13.02 -13.23
N ASN B 141 2.45 -12.89 -14.54
CA ASN B 141 3.62 -12.47 -15.31
C ASN B 141 3.47 -11.10 -15.94
N GLU B 142 2.37 -10.41 -15.65
CA GLU B 142 2.05 -9.11 -16.22
C GLU B 142 2.44 -8.04 -15.20
N ASN B 143 3.17 -7.03 -15.65
CA ASN B 143 3.34 -5.83 -14.83
C ASN B 143 2.27 -4.82 -15.24
N SER B 144 1.02 -5.18 -14.95
CA SER B 144 -0.09 -4.32 -15.31
C SER B 144 -0.25 -3.21 -14.29
N HIS B 145 -1.16 -2.29 -14.59
CA HIS B 145 -1.45 -1.16 -13.72
C HIS B 145 -2.93 -0.85 -13.80
N PRO B 146 -3.54 -0.42 -12.69
CA PRO B 146 -4.96 -0.10 -12.72
C PRO B 146 -5.22 1.18 -13.48
N PRO B 147 -6.38 1.30 -14.13
CA PRO B 147 -6.65 2.46 -14.99
C PRO B 147 -6.99 3.68 -14.14
N TYR B 148 -7.18 4.81 -14.82
CA TYR B 148 -7.42 6.06 -14.12
C TYR B 148 -8.82 6.10 -13.52
N ALA B 149 -9.77 5.41 -14.13
CA ALA B 149 -11.13 5.39 -13.59
C ALA B 149 -11.25 4.55 -12.32
N THR B 150 -10.25 3.72 -12.03
CA THR B 150 -10.24 2.86 -10.86
C THR B 150 -9.53 3.50 -9.69
N THR B 151 -8.36 4.08 -9.93
CA THR B 151 -7.60 4.71 -8.84
C THR B 151 -8.25 5.99 -8.38
N GLN B 152 -8.95 6.69 -9.26
CA GLN B 152 -9.66 7.92 -8.92
C GLN B 152 -11.08 7.81 -9.46
N PRO B 153 -12.01 7.26 -8.68
CA PRO B 153 -13.34 6.96 -9.21
C PRO B 153 -14.31 8.13 -9.15
N GLY B 154 -13.98 9.21 -8.47
CA GLY B 154 -14.87 10.33 -8.37
C GLY B 154 -15.77 10.24 -7.15
N GLN B 155 -16.90 10.93 -7.22
CA GLN B 155 -17.89 10.89 -6.15
C GLN B 155 -18.86 9.75 -6.30
N VAL B 156 -18.67 8.90 -7.30
CA VAL B 156 -19.49 7.70 -7.45
C VAL B 156 -18.90 6.54 -6.67
N GLY B 157 -17.60 6.36 -6.73
CA GLY B 157 -17.01 5.23 -6.03
C GLY B 157 -17.00 3.97 -6.89
N ALA B 158 -16.11 3.06 -6.54
CA ALA B 158 -15.94 1.83 -7.28
C ALA B 158 -16.17 0.63 -6.37
N VAL B 159 -16.40 -0.53 -6.97
CA VAL B 159 -16.67 -1.74 -6.23
C VAL B 159 -15.41 -2.57 -6.15
N LEU B 160 -15.37 -3.47 -5.17
CA LEU B 160 -14.25 -4.38 -5.00
C LEU B 160 -14.49 -5.65 -5.81
N THR B 161 -13.42 -6.18 -6.37
CA THR B 161 -13.46 -7.42 -7.15
C THR B 161 -13.12 -8.64 -6.31
N HIS B 162 -12.06 -8.56 -5.51
CA HIS B 162 -11.69 -9.59 -4.55
C HIS B 162 -11.64 -8.93 -3.19
N PRO B 163 -12.76 -8.90 -2.46
CA PRO B 163 -12.79 -8.19 -1.18
C PRO B 163 -12.03 -8.87 -0.06
N TYR B 164 -11.66 -10.14 -0.24
CA TYR B 164 -10.93 -10.85 0.80
C TYR B 164 -9.53 -10.32 0.97
N VAL B 165 -8.92 -9.81 -0.10
CA VAL B 165 -7.59 -9.23 -0.04
C VAL B 165 -7.62 -7.73 -0.26
N LEU B 166 -8.82 -7.14 -0.31
CA LEU B 166 -9.07 -5.71 -0.51
C LEU B 166 -8.46 -5.15 -1.78
N ASP B 167 -8.24 -6.00 -2.79
CA ASP B 167 -7.55 -5.67 -4.05
C ASP B 167 -6.16 -5.09 -3.81
N ALA B 168 -5.52 -5.44 -2.70
CA ALA B 168 -4.22 -4.90 -2.39
C ALA B 168 -3.30 -5.91 -1.71
N GLY B 169 -3.69 -7.17 -1.62
CA GLY B 169 -2.84 -8.19 -1.04
C GLY B 169 -2.84 -8.26 0.46
N ILE B 170 -3.61 -7.43 1.15
CA ILE B 170 -3.65 -7.43 2.61
C ILE B 170 -4.99 -7.99 3.05
N PRO B 171 -5.06 -8.77 4.13
CA PRO B 171 -6.29 -9.48 4.45
C PRO B 171 -7.33 -8.59 5.12
N LEU B 172 -8.59 -8.99 4.96
CA LEU B 172 -9.68 -8.27 5.59
C LEU B 172 -9.75 -8.54 7.08
N SER B 173 -9.17 -9.65 7.54
CA SER B 173 -9.32 -10.08 8.91
C SER B 173 -8.65 -9.14 9.90
N GLN B 174 -7.67 -8.38 9.46
CA GLN B 174 -7.02 -7.41 10.33
C GLN B 174 -7.13 -6.00 9.76
N LEU B 175 -8.26 -5.71 9.13
CA LEU B 175 -8.62 -4.35 8.78
C LEU B 175 -8.98 -3.53 10.00
N THR B 176 -9.32 -4.18 11.10
CA THR B 176 -9.74 -3.49 12.31
C THR B 176 -8.59 -2.86 13.08
N VAL B 177 -7.36 -2.94 12.58
CA VAL B 177 -6.27 -2.16 13.15
C VAL B 177 -6.40 -0.69 12.75
N CYS B 178 -7.13 -0.43 11.68
CA CYS B 178 -7.43 0.93 11.27
C CYS B 178 -8.54 1.48 12.16
N PRO B 179 -8.71 2.80 12.19
CA PRO B 179 -9.88 3.36 12.88
C PRO B 179 -11.17 2.97 12.17
N HIS B 180 -12.07 2.35 12.91
CA HIS B 180 -13.19 1.67 12.29
C HIS B 180 -14.40 1.66 13.20
N GLN B 181 -15.54 1.34 12.62
CA GLN B 181 -16.79 1.10 13.33
C GLN B 181 -17.54 0.00 12.62
N TRP B 182 -18.56 -0.52 13.26
CA TRP B 182 -19.43 -1.51 12.66
C TRP B 182 -20.82 -0.92 12.49
N ILE B 183 -21.59 -1.47 11.57
CA ILE B 183 -23.02 -1.20 11.50
C ILE B 183 -23.70 -2.57 11.61
N ASN B 184 -24.07 -2.93 12.83
CA ASN B 184 -24.88 -4.11 13.08
C ASN B 184 -26.33 -3.69 12.99
N LEU B 185 -27.10 -4.35 12.12
CA LEU B 185 -28.44 -3.88 11.81
C LEU B 185 -29.44 -4.06 12.94
N ARG B 186 -29.08 -4.73 14.02
CA ARG B 186 -29.97 -4.87 15.15
C ARG B 186 -29.70 -3.88 16.26
N THR B 187 -28.57 -3.16 16.23
CA THR B 187 -28.23 -2.24 17.29
C THR B 187 -28.17 -0.79 16.82
N ASN B 188 -27.37 -0.50 15.81
CA ASN B 188 -27.20 0.87 15.34
C ASN B 188 -27.44 0.93 13.84
N ASN B 189 -27.54 2.14 13.32
CA ASN B 189 -27.70 2.31 11.89
C ASN B 189 -26.84 3.43 11.33
N CYS B 190 -25.91 3.97 12.10
CA CYS B 190 -24.99 4.98 11.60
C CYS B 190 -23.63 4.79 12.23
N ALA B 191 -22.59 5.07 11.45
CA ALA B 191 -21.22 5.00 11.91
C ALA B 191 -20.56 6.33 11.60
N THR B 192 -19.62 6.75 12.45
CA THR B 192 -19.07 8.09 12.35
C THR B 192 -17.65 8.15 12.89
N ILE B 193 -16.72 8.56 12.03
CA ILE B 193 -15.30 8.63 12.34
C ILE B 193 -14.82 10.03 12.01
N ILE B 194 -13.97 10.60 12.87
CA ILE B 194 -13.37 11.91 12.66
C ILE B 194 -11.88 11.71 12.41
N VAL B 195 -11.40 12.21 11.28
CA VAL B 195 -10.07 11.92 10.78
C VAL B 195 -9.26 13.22 10.77
N PRO B 196 -8.08 13.26 11.36
CA PRO B 196 -7.24 14.44 11.23
C PRO B 196 -6.40 14.40 9.96
N TYR B 197 -5.52 15.37 9.78
CA TYR B 197 -4.68 15.42 8.60
C TYR B 197 -3.42 14.60 8.85
N MET B 198 -3.20 13.58 8.02
CA MET B 198 -2.08 12.68 8.18
C MET B 198 -1.28 12.67 6.89
N ASN B 199 -0.03 13.11 6.96
CA ASN B 199 0.88 13.14 5.83
C ASN B 199 2.27 13.42 6.39
N THR B 200 3.28 13.21 5.54
CA THR B 200 4.64 13.57 5.91
C THR B 200 4.95 15.04 5.68
N VAL B 201 4.05 15.78 5.04
CA VAL B 201 4.25 17.16 4.68
C VAL B 201 3.09 17.97 5.23
N PRO B 202 3.27 19.24 5.58
CA PRO B 202 2.16 20.00 6.18
C PRO B 202 1.08 20.42 5.19
N PHE B 203 1.40 20.53 3.92
CA PHE B 203 0.44 20.83 2.87
C PHE B 203 0.67 19.87 1.73
N ASP B 204 -0.35 19.64 0.91
CA ASP B 204 -0.15 18.83 -0.29
C ASP B 204 -1.12 19.25 -1.37
N SER B 205 -0.84 18.79 -2.58
CA SER B 205 -1.71 19.08 -3.71
C SER B 205 -2.99 18.29 -3.59
N ALA B 206 -4.07 18.88 -4.06
CA ALA B 206 -5.39 18.27 -3.95
C ALA B 206 -5.82 17.53 -5.20
N LEU B 207 -5.02 17.55 -6.26
CA LEU B 207 -5.38 16.90 -7.50
C LEU B 207 -4.48 15.73 -7.84
N ASN B 208 -3.36 15.55 -7.15
CA ASN B 208 -2.43 14.48 -7.45
C ASN B 208 -2.36 13.40 -6.38
N HIS B 209 -2.87 13.64 -5.19
CA HIS B 209 -2.58 12.78 -4.06
C HIS B 209 -3.85 12.54 -3.26
N CYS B 210 -4.14 11.28 -2.96
CA CYS B 210 -5.30 10.91 -2.15
C CYS B 210 -4.79 10.51 -0.78
N ASN B 211 -5.28 11.17 0.25
CA ASN B 211 -4.76 10.95 1.60
C ASN B 211 -5.16 9.59 2.15
N PHE B 212 -6.46 9.35 2.27
CA PHE B 212 -6.94 8.09 2.81
C PHE B 212 -8.07 7.56 1.95
N GLY B 213 -8.48 6.34 2.26
CA GLY B 213 -9.59 5.71 1.58
C GLY B 213 -10.58 5.18 2.60
N LEU B 214 -11.83 5.07 2.18
CA LEU B 214 -12.92 4.62 3.03
C LEU B 214 -13.50 3.35 2.45
N LEU B 215 -13.46 2.27 3.20
CA LEU B 215 -13.95 0.98 2.74
C LEU B 215 -15.21 0.61 3.50
N VAL B 216 -16.23 0.15 2.79
CA VAL B 216 -17.46 -0.36 3.39
C VAL B 216 -17.69 -1.74 2.81
N ILE B 217 -17.54 -2.77 3.65
CA ILE B 217 -17.56 -4.15 3.21
C ILE B 217 -18.59 -4.92 4.02
N PRO B 218 -19.53 -5.61 3.39
CA PRO B 218 -20.48 -6.43 4.14
C PRO B 218 -19.84 -7.73 4.63
N VAL B 219 -19.58 -7.80 5.92
CA VAL B 219 -18.97 -9.00 6.49
C VAL B 219 -19.98 -10.12 6.59
N VAL B 220 -21.10 -9.87 7.26
CA VAL B 220 -22.22 -10.79 7.33
C VAL B 220 -23.23 -10.37 6.26
N PRO B 221 -23.63 -11.25 5.36
CA PRO B 221 -24.46 -10.80 4.23
C PRO B 221 -25.88 -10.48 4.65
N LEU B 222 -26.52 -9.61 3.86
CA LEU B 222 -27.86 -9.15 4.15
C LEU B 222 -28.86 -10.26 3.90
N ASP B 223 -29.75 -10.48 4.86
CA ASP B 223 -30.77 -11.49 4.70
C ASP B 223 -32.09 -10.98 5.22
N PHE B 224 -33.17 -11.44 4.61
CA PHE B 224 -34.53 -11.17 5.02
C PHE B 224 -35.43 -12.24 4.41
N ASN B 225 -36.72 -12.12 4.67
CA ASN B 225 -37.70 -13.04 4.11
C ASN B 225 -38.40 -12.41 2.92
N ALA B 226 -39.01 -13.27 2.11
CA ALA B 226 -39.71 -12.79 0.93
C ALA B 226 -41.00 -12.09 1.33
N GLY B 227 -41.18 -10.87 0.83
CA GLY B 227 -42.27 -10.01 1.23
C GLY B 227 -41.85 -8.77 1.96
N ALA B 228 -40.63 -8.75 2.50
CA ALA B 228 -40.10 -7.56 3.13
C ALA B 228 -39.45 -6.66 2.08
N THR B 229 -38.98 -5.50 2.52
CA THR B 229 -38.42 -4.51 1.63
C THR B 229 -37.06 -4.98 1.13
N SER B 230 -36.89 -5.05 -0.18
CA SER B 230 -35.67 -5.61 -0.76
C SER B 230 -34.70 -4.54 -1.22
N GLU B 231 -35.01 -3.27 -1.07
CA GLU B 231 -34.15 -2.18 -1.53
C GLU B 231 -33.57 -1.51 -0.30
N ILE B 232 -32.37 -1.92 0.10
CA ILE B 232 -31.72 -1.41 1.30
C ILE B 232 -30.56 -0.52 0.84
N PRO B 233 -30.68 0.80 0.94
CA PRO B 233 -29.62 1.66 0.43
C PRO B 233 -28.62 2.10 1.47
N ILE B 234 -27.43 2.51 1.02
CA ILE B 234 -26.33 2.94 1.87
C ILE B 234 -25.91 4.32 1.41
N THR B 235 -25.77 5.26 2.35
CA THR B 235 -25.46 6.64 2.02
C THR B 235 -24.28 7.12 2.85
N VAL B 236 -23.36 7.82 2.20
CA VAL B 236 -22.16 8.37 2.83
C VAL B 236 -22.29 9.89 2.84
N THR B 237 -21.86 10.51 3.94
CA THR B 237 -21.94 11.95 4.12
C THR B 237 -20.66 12.42 4.77
N ILE B 238 -20.02 13.44 4.20
CA ILE B 238 -18.69 13.86 4.63
C ILE B 238 -18.65 15.36 4.84
N ALA B 239 -17.70 15.81 5.65
CA ALA B 239 -17.54 17.22 5.95
C ALA B 239 -16.09 17.56 6.25
N PRO B 240 -15.49 18.49 5.52
CA PRO B 240 -14.17 18.98 5.89
C PRO B 240 -14.23 19.75 7.19
N MET B 241 -13.12 19.72 7.92
CA MET B 241 -13.13 20.28 9.27
C MET B 241 -12.31 21.57 9.37
N CYS B 242 -11.04 21.55 9.02
CA CYS B 242 -10.20 22.72 9.22
C CYS B 242 -9.44 23.04 7.95
N ALA B 243 -10.17 23.14 6.84
CA ALA B 243 -9.56 23.26 5.53
C ALA B 243 -8.88 24.60 5.33
N GLU B 244 -7.64 24.57 4.87
CA GLU B 244 -6.91 25.75 4.43
C GLU B 244 -6.37 25.51 3.05
N PHE B 245 -6.16 26.59 2.31
CA PHE B 245 -5.63 26.53 0.96
C PHE B 245 -4.54 27.59 0.83
N ALA B 246 -3.59 27.32 -0.06
CA ALA B 246 -2.50 28.26 -0.29
C ALA B 246 -2.00 28.09 -1.71
N GLY B 247 -1.27 29.09 -2.18
CA GLY B 247 -0.73 29.05 -3.52
C GLY B 247 -1.75 29.28 -4.62
N LEU B 248 -2.25 30.50 -4.76
CA LEU B 248 -3.27 30.81 -5.75
C LEU B 248 -2.72 30.72 -7.16
N ARG B 249 -3.59 30.39 -8.10
CA ARG B 249 -3.19 30.02 -9.45
C ARG B 249 -4.44 30.12 -10.32
N GLN B 250 -4.28 29.85 -11.62
CA GLN B 250 -5.47 29.70 -12.44
C GLN B 250 -6.05 28.32 -12.26
N ALA B 251 -7.26 28.14 -12.79
CA ALA B 251 -7.99 26.89 -12.57
C ALA B 251 -7.38 25.75 -13.38
N VAL B 252 -7.02 24.68 -12.67
CA VAL B 252 -6.57 23.44 -13.28
C VAL B 252 -7.64 22.40 -13.01
N LYS B 253 -8.25 21.88 -14.08
CA LYS B 253 -9.42 21.03 -13.94
C LYS B 253 -9.07 19.69 -13.31
N GLN B 254 -7.99 19.07 -13.78
CA GLN B 254 -7.55 17.79 -13.23
C GLN B 254 -6.05 17.60 -13.44
N GLY C 1 53.90 2.91 20.37
CA GLY C 1 52.54 3.25 20.74
C GLY C 1 52.05 2.47 21.94
N ILE C 2 50.74 2.51 22.18
CA ILE C 2 50.14 1.83 23.33
C ILE C 2 50.18 0.34 23.06
N PRO C 3 50.79 -0.45 23.96
CA PRO C 3 50.81 -1.88 23.65
C PRO C 3 49.41 -2.47 23.75
N THR C 4 48.98 -3.22 22.73
CA THR C 4 47.64 -3.81 22.69
C THR C 4 47.64 -5.27 22.28
N GLU C 5 46.51 -5.95 22.48
CA GLU C 5 46.33 -7.36 22.15
C GLU C 5 45.04 -7.57 21.39
N LEU C 6 44.96 -8.61 20.57
CA LEU C 6 43.74 -8.90 19.84
C LEU C 6 43.20 -10.23 20.34
N LYS C 7 41.93 -10.30 20.71
CA LYS C 7 41.37 -11.52 21.26
C LYS C 7 40.63 -12.28 20.18
N PRO C 8 40.18 -13.51 20.47
CA PRO C 8 39.23 -14.16 19.55
C PRO C 8 37.93 -13.38 19.45
N GLY C 9 37.47 -13.19 18.22
CA GLY C 9 36.36 -12.33 17.92
C GLY C 9 36.70 -11.14 17.05
N THR C 10 37.82 -11.19 16.35
CA THR C 10 38.28 -10.09 15.52
C THR C 10 37.89 -10.35 14.07
N ASN C 11 37.53 -9.27 13.37
CA ASN C 11 37.24 -9.26 11.94
C ASN C 11 36.00 -10.07 11.60
N GLN C 12 35.11 -10.24 12.56
CA GLN C 12 33.86 -10.96 12.34
C GLN C 12 32.72 -9.97 12.21
N PHE C 13 31.76 -10.31 11.36
CA PHE C 13 30.59 -9.49 11.13
C PHE C 13 29.41 -10.20 11.79
N LEU C 14 29.12 -9.82 13.02
CA LEU C 14 27.92 -10.27 13.70
C LEU C 14 26.82 -9.27 13.36
N THR C 15 25.72 -9.77 12.78
CA THR C 15 24.71 -8.88 12.23
C THR C 15 23.93 -8.15 13.31
N THR C 16 23.87 -8.70 14.51
CA THR C 16 23.12 -8.13 15.61
C THR C 16 24.00 -7.24 16.48
N ASP C 17 25.16 -6.83 15.98
CA ASP C 17 26.05 -6.01 16.78
C ASP C 17 25.63 -4.56 16.72
N ASP C 18 25.80 -3.85 17.83
CA ASP C 18 25.46 -2.45 17.94
C ASP C 18 26.73 -1.66 18.21
N GLY C 19 27.19 -0.92 17.21
CA GLY C 19 28.41 -0.15 17.38
C GLY C 19 28.45 1.10 16.53
N VAL C 20 29.57 1.81 16.61
CA VAL C 20 29.75 3.09 15.96
C VAL C 20 30.43 2.84 14.62
N SER C 21 29.89 3.45 13.57
CA SER C 21 30.43 3.31 12.23
C SER C 21 30.63 4.69 11.61
N ALA C 22 31.51 4.76 10.63
CA ALA C 22 32.02 6.03 10.16
C ALA C 22 31.03 6.73 9.25
N PRO C 23 30.74 8.01 9.49
CA PRO C 23 29.76 8.72 8.69
C PRO C 23 30.30 9.19 7.35
N ILE C 24 29.40 9.35 6.40
CA ILE C 24 29.77 9.67 5.03
C ILE C 24 29.50 11.11 4.65
N LEU C 25 28.88 11.92 5.50
CA LEU C 25 28.52 13.28 5.15
C LEU C 25 28.77 14.22 6.32
N PRO C 26 29.76 15.12 6.21
CA PRO C 26 30.02 16.04 7.32
C PRO C 26 29.08 17.23 7.27
N GLY C 27 28.66 17.69 8.44
CA GLY C 27 27.85 18.89 8.52
C GLY C 27 26.42 18.74 8.05
N PHE C 28 25.97 17.53 7.74
CA PHE C 28 24.62 17.30 7.27
C PHE C 28 23.62 17.49 8.39
N HIS C 29 22.48 18.10 8.08
CA HIS C 29 21.39 18.23 9.01
C HIS C 29 20.10 17.78 8.34
N PRO C 30 19.34 16.91 8.97
CA PRO C 30 18.15 16.36 8.33
C PRO C 30 17.00 17.37 8.33
N THR C 31 15.93 16.97 7.68
CA THR C 31 14.73 17.78 7.64
C THR C 31 14.09 17.77 9.02
N PRO C 32 13.56 18.91 9.50
CA PRO C 32 12.93 18.94 10.81
C PRO C 32 11.66 18.13 10.82
N PRO C 33 11.34 17.48 11.93
CA PRO C 33 10.11 16.68 11.99
C PRO C 33 8.89 17.54 12.27
N ILE C 34 7.76 17.09 11.74
CA ILE C 34 6.48 17.71 12.00
C ILE C 34 5.67 16.75 12.84
N HIS C 35 4.49 17.21 13.26
CA HIS C 35 3.62 16.35 14.06
C HIS C 35 2.75 15.52 13.14
N ILE C 36 3.02 14.22 13.09
CA ILE C 36 2.18 13.26 12.37
C ILE C 36 1.42 12.47 13.43
N PRO C 37 0.11 12.27 13.27
CA PRO C 37 -0.63 11.54 14.29
C PRO C 37 -0.48 10.03 14.16
N GLY C 38 -0.41 9.37 15.30
CA GLY C 38 -0.44 7.93 15.34
C GLY C 38 0.91 7.26 15.48
N GLU C 39 1.73 7.75 16.41
CA GLU C 39 3.08 7.20 16.57
C GLU C 39 3.05 5.95 17.42
N VAL C 40 3.86 4.98 17.04
CA VAL C 40 3.98 3.70 17.73
C VAL C 40 5.31 3.65 18.43
N HIS C 41 5.30 3.47 19.75
CA HIS C 41 6.54 3.36 20.50
C HIS C 41 6.90 1.92 20.85
N ASN C 42 5.95 1.01 20.80
CA ASN C 42 6.15 -0.35 21.27
C ASN C 42 5.22 -1.26 20.49
N LEU C 43 5.65 -2.48 20.22
CA LEU C 43 4.82 -3.39 19.46
C LEU C 43 3.69 -3.99 20.29
N LEU C 44 3.70 -3.80 21.60
CA LEU C 44 2.63 -4.33 22.43
C LEU C 44 1.37 -3.51 22.36
N GLU C 45 1.42 -2.32 21.78
CA GLU C 45 0.21 -1.53 21.59
C GLU C 45 -0.64 -2.06 20.45
N ILE C 46 -0.01 -2.57 19.38
CA ILE C 46 -0.76 -3.11 18.27
C ILE C 46 -1.32 -4.48 18.60
N CYS C 47 -0.79 -5.13 19.63
CA CYS C 47 -1.26 -6.47 19.97
C CYS C 47 -2.52 -6.45 20.83
N ARG C 48 -2.99 -5.29 21.25
CA ARG C 48 -4.19 -5.23 22.07
C ARG C 48 -5.43 -4.90 21.27
N VAL C 49 -5.31 -4.53 20.00
CA VAL C 49 -6.47 -4.22 19.18
C VAL C 49 -7.08 -5.54 18.73
N GLU C 50 -8.37 -5.53 18.44
CA GLU C 50 -9.09 -6.77 18.17
C GLU C 50 -9.24 -7.00 16.68
N THR C 51 -8.90 -8.20 16.24
CA THR C 51 -8.94 -8.55 14.84
C THR C 51 -9.73 -9.84 14.67
N ILE C 52 -10.24 -10.06 13.47
CA ILE C 52 -11.21 -11.13 13.23
C ILE C 52 -10.52 -12.49 13.22
N LEU C 53 -11.19 -13.50 13.77
CA LEU C 53 -10.67 -14.84 13.92
C LEU C 53 -11.39 -15.77 12.97
N GLU C 54 -10.63 -16.51 12.16
CA GLU C 54 -11.21 -17.36 11.12
C GLU C 54 -11.48 -18.74 11.69
N VAL C 55 -12.60 -18.86 12.42
CA VAL C 55 -12.95 -20.14 13.02
C VAL C 55 -13.49 -21.10 11.97
N ASN C 56 -14.13 -20.58 10.93
CA ASN C 56 -14.77 -21.43 9.92
C ASN C 56 -13.81 -21.72 8.77
N ASN C 57 -12.65 -22.27 9.09
CA ASN C 57 -11.63 -22.53 8.09
C ASN C 57 -11.75 -23.96 7.57
N LEU C 58 -12.80 -24.18 6.79
CA LEU C 58 -13.00 -25.51 6.25
C LEU C 58 -12.29 -25.65 4.91
N LYS C 59 -12.27 -26.87 4.39
CA LYS C 59 -11.61 -27.14 3.13
C LYS C 59 -12.50 -26.84 1.93
N THR C 60 -13.76 -26.50 2.16
CA THR C 60 -14.66 -26.13 1.08
C THR C 60 -14.81 -24.62 0.94
N ASN C 61 -14.26 -23.84 1.85
CA ASN C 61 -14.34 -22.39 1.78
C ASN C 61 -13.19 -21.77 1.00
N GLU C 62 -12.28 -22.58 0.48
CA GLU C 62 -11.06 -22.06 -0.12
C GLU C 62 -11.29 -21.38 -1.46
N THR C 63 -12.45 -21.56 -2.07
CA THR C 63 -12.79 -20.88 -3.31
C THR C 63 -13.60 -19.62 -3.09
N THR C 64 -14.50 -19.62 -2.11
CA THR C 64 -15.24 -18.43 -1.70
C THR C 64 -14.78 -18.06 -0.30
N PRO C 65 -13.66 -17.34 -0.19
CA PRO C 65 -13.00 -17.18 1.10
C PRO C 65 -13.65 -16.16 2.03
N MET C 66 -14.70 -15.48 1.60
CA MET C 66 -15.37 -14.53 2.49
C MET C 66 -16.24 -15.24 3.52
N GLN C 67 -16.55 -16.51 3.31
CA GLN C 67 -17.37 -17.26 4.24
C GLN C 67 -16.64 -17.67 5.49
N ARG C 68 -15.31 -17.56 5.51
CA ARG C 68 -14.51 -18.02 6.63
C ARG C 68 -14.60 -17.09 7.84
N LEU C 69 -15.14 -15.90 7.69
CA LEU C 69 -15.10 -14.93 8.76
C LEU C 69 -16.30 -15.00 9.68
N CYS C 70 -17.27 -15.88 9.41
CA CYS C 70 -18.48 -15.97 10.20
C CYS C 70 -18.91 -17.43 10.28
N PHE C 71 -19.35 -17.87 11.45
CA PHE C 71 -19.83 -19.24 11.55
C PHE C 71 -21.29 -19.26 11.99
N PRO C 72 -22.11 -20.14 11.42
CA PRO C 72 -23.57 -20.02 11.55
C PRO C 72 -24.15 -20.52 12.86
N VAL C 73 -25.33 -20.01 13.17
CA VAL C 73 -26.13 -20.42 14.32
C VAL C 73 -27.56 -20.60 13.86
N SER C 74 -28.14 -21.78 14.10
CA SER C 74 -29.42 -22.14 13.52
C SER C 74 -30.32 -22.76 14.58
N VAL C 75 -31.53 -23.11 14.16
CA VAL C 75 -32.53 -23.67 15.06
C VAL C 75 -32.35 -25.17 15.13
N GLN C 76 -32.15 -25.69 16.33
CA GLN C 76 -31.81 -27.09 16.54
C GLN C 76 -33.03 -27.91 16.91
N SER C 77 -32.89 -29.23 16.80
CA SER C 77 -33.91 -30.17 17.21
C SER C 77 -33.54 -30.94 18.47
N LYS C 78 -32.26 -31.10 18.76
CA LYS C 78 -31.80 -31.72 19.98
C LYS C 78 -31.29 -30.64 20.94
N THR C 79 -30.92 -31.05 22.14
CA THR C 79 -30.51 -30.12 23.17
C THR C 79 -29.02 -30.27 23.47
N GLY C 80 -28.38 -29.14 23.75
CA GLY C 80 -27.02 -29.15 24.24
C GLY C 80 -25.96 -29.48 23.23
N GLU C 81 -26.23 -29.29 21.94
CA GLU C 81 -25.23 -29.60 20.94
C GLU C 81 -24.16 -28.51 20.88
N LEU C 82 -23.07 -28.80 20.19
CA LEU C 82 -21.99 -27.84 20.06
C LEU C 82 -22.00 -27.19 18.68
N CYS C 83 -21.52 -25.96 18.63
CA CYS C 83 -21.43 -25.22 17.38
C CYS C 83 -20.04 -25.23 16.77
N ALA C 84 -19.00 -24.97 17.55
CA ALA C 84 -17.65 -24.92 17.01
C ALA C 84 -16.67 -25.29 18.10
N ALA C 85 -15.44 -25.57 17.68
CA ALA C 85 -14.35 -25.84 18.61
C ALA C 85 -13.06 -25.48 17.92
N PHE C 86 -12.14 -24.87 18.65
CA PHE C 86 -10.86 -24.47 18.10
C PHE C 86 -9.86 -24.35 19.23
N ARG C 87 -8.59 -24.58 18.90
CA ARG C 87 -7.53 -24.50 19.89
C ARG C 87 -7.25 -23.05 20.25
N ALA C 88 -6.68 -22.86 21.43
CA ALA C 88 -6.41 -21.52 21.93
C ALA C 88 -4.96 -21.09 21.73
N ASP C 89 -4.19 -21.86 21.00
CA ASP C 89 -2.77 -21.59 20.74
C ASP C 89 -2.61 -20.50 19.70
N PRO C 90 -2.09 -19.32 20.05
CA PRO C 90 -1.92 -18.28 19.04
C PRO C 90 -0.73 -18.50 18.12
N GLY C 91 0.24 -19.30 18.53
CA GLY C 91 1.40 -19.53 17.70
C GLY C 91 1.21 -20.66 16.71
N ARG C 92 0.36 -21.62 17.03
CA ARG C 92 0.07 -22.72 16.13
C ARG C 92 -0.76 -22.21 14.95
N ASP C 93 -0.64 -22.88 13.81
CA ASP C 93 -1.45 -22.52 12.66
C ASP C 93 -2.89 -22.96 12.84
N GLY C 94 -3.80 -22.17 12.29
CA GLY C 94 -5.22 -22.39 12.46
C GLY C 94 -6.00 -21.10 12.42
N PRO C 95 -6.98 -20.96 13.31
CA PRO C 95 -7.79 -19.73 13.30
C PRO C 95 -7.04 -18.50 13.77
N TRP C 96 -5.97 -18.64 14.52
CA TRP C 96 -5.27 -17.48 15.03
C TRP C 96 -4.31 -16.86 14.02
N GLN C 97 -4.12 -17.49 12.86
CA GLN C 97 -3.23 -16.97 11.85
C GLN C 97 -3.75 -15.72 11.17
N SER C 98 -5.03 -15.41 11.30
CA SER C 98 -5.62 -14.27 10.64
C SER C 98 -5.58 -13.00 11.46
N THR C 99 -5.14 -13.08 12.71
CA THR C 99 -5.11 -11.93 13.60
C THR C 99 -3.79 -11.19 13.51
N ILE C 100 -3.77 -9.95 14.01
CA ILE C 100 -2.50 -9.24 14.15
C ILE C 100 -1.75 -9.74 15.37
N LEU C 101 -2.40 -10.45 16.28
CA LEU C 101 -1.70 -11.04 17.41
C LEU C 101 -1.03 -12.35 16.99
N GLY C 102 -1.68 -13.11 16.12
CA GLY C 102 -1.09 -14.35 15.68
C GLY C 102 -0.05 -14.17 14.60
N GLN C 103 0.00 -12.99 13.99
CA GLN C 103 1.02 -12.71 12.99
C GLN C 103 2.23 -12.02 13.58
N LEU C 104 2.07 -11.32 14.69
CA LEU C 104 3.22 -10.75 15.40
C LEU C 104 3.80 -11.72 16.42
N CYS C 105 3.07 -12.77 16.78
CA CYS C 105 3.67 -13.82 17.58
C CYS C 105 4.59 -14.70 16.78
N ARG C 106 4.45 -14.74 15.45
CA ARG C 106 5.33 -15.55 14.63
C ARG C 106 6.74 -14.99 14.57
N TYR C 107 6.92 -13.72 14.91
CA TYR C 107 8.23 -13.09 14.90
C TYR C 107 8.98 -13.29 16.20
N TYR C 108 8.36 -13.88 17.22
CA TYR C 108 9.00 -14.11 18.50
C TYR C 108 8.90 -15.59 18.82
N THR C 109 9.53 -16.02 19.90
CA THR C 109 9.55 -17.43 20.25
C THR C 109 8.67 -17.76 21.44
N GLN C 110 8.83 -17.06 22.55
CA GLN C 110 8.09 -17.33 23.76
C GLN C 110 7.11 -16.20 24.04
N TRP C 111 5.93 -16.55 24.56
CA TRP C 111 4.93 -15.57 24.91
C TRP C 111 4.40 -15.86 26.30
N SER C 112 3.78 -14.86 26.91
CA SER C 112 3.26 -14.97 28.25
C SER C 112 2.01 -14.12 28.37
N GLY C 113 1.31 -14.26 29.48
CA GLY C 113 0.14 -13.45 29.76
C GLY C 113 -1.11 -14.07 29.18
N SER C 114 -2.23 -13.42 29.47
CA SER C 114 -3.55 -13.92 29.13
C SER C 114 -4.11 -13.20 27.91
N LEU C 115 -5.04 -13.86 27.23
CA LEU C 115 -5.67 -13.35 26.02
C LEU C 115 -7.12 -13.02 26.30
N GLU C 116 -7.83 -12.61 25.26
CA GLU C 116 -9.27 -12.37 25.38
C GLU C 116 -9.92 -12.57 24.02
N VAL C 117 -11.10 -13.18 24.02
CA VAL C 117 -11.84 -13.49 22.81
C VAL C 117 -13.20 -12.81 22.94
N THR C 118 -13.65 -12.16 21.88
CA THR C 118 -14.90 -11.42 21.89
C THR C 118 -15.78 -11.91 20.75
N PHE C 119 -17.03 -12.22 21.06
CA PHE C 119 -17.99 -12.68 20.08
C PHE C 119 -19.05 -11.60 19.86
N MET C 120 -19.51 -11.49 18.63
CA MET C 120 -20.46 -10.45 18.27
C MET C 120 -21.57 -11.07 17.45
N PHE C 121 -22.81 -10.88 17.87
CA PHE C 121 -23.94 -11.55 17.26
C PHE C 121 -24.54 -10.71 16.16
N ALA C 122 -24.70 -11.30 14.98
CA ALA C 122 -25.18 -10.59 13.81
C ALA C 122 -26.46 -11.19 13.30
N GLY C 123 -27.40 -11.44 14.19
CA GLY C 123 -28.74 -11.86 13.81
C GLY C 123 -29.68 -10.68 13.82
N SER C 124 -30.97 -10.98 13.79
CA SER C 124 -31.96 -9.91 13.78
C SER C 124 -32.29 -9.50 15.20
N PHE C 125 -33.08 -8.45 15.32
CA PHE C 125 -33.45 -7.93 16.62
C PHE C 125 -34.45 -8.82 17.34
N MET C 126 -35.28 -9.55 16.60
CA MET C 126 -36.33 -10.35 17.18
C MET C 126 -35.84 -11.72 17.64
N ALA C 127 -34.61 -12.10 17.33
CA ALA C 127 -34.12 -13.42 17.70
C ALA C 127 -33.47 -13.38 19.07
N THR C 128 -33.62 -14.48 19.81
CA THR C 128 -33.04 -14.62 21.13
C THR C 128 -32.39 -15.98 21.25
N GLY C 129 -31.74 -16.22 22.38
CA GLY C 129 -31.06 -17.47 22.64
C GLY C 129 -30.00 -17.29 23.70
N LYS C 130 -29.36 -18.40 24.04
CA LYS C 130 -28.25 -18.41 24.98
C LYS C 130 -27.22 -19.41 24.51
N MET C 131 -25.95 -19.10 24.72
CA MET C 131 -24.85 -19.98 24.39
C MET C 131 -23.98 -20.20 25.62
N LEU C 132 -23.13 -21.21 25.56
CA LEU C 132 -22.17 -21.51 26.60
C LEU C 132 -20.80 -21.59 25.97
N ILE C 133 -19.87 -20.76 26.44
CA ILE C 133 -18.54 -20.66 25.87
C ILE C 133 -17.54 -21.08 26.94
N ALA C 134 -16.86 -22.19 26.72
CA ALA C 134 -16.03 -22.80 27.75
C ALA C 134 -14.59 -22.91 27.29
N TYR C 135 -13.67 -22.67 28.22
CA TYR C 135 -12.25 -22.83 27.99
C TYR C 135 -11.75 -23.96 28.87
N THR C 136 -11.05 -24.92 28.28
CA THR C 136 -10.61 -26.10 28.99
C THR C 136 -9.10 -26.14 29.05
N PRO C 137 -8.50 -26.26 30.24
CA PRO C 137 -7.04 -26.40 30.34
C PRO C 137 -6.56 -27.70 29.73
N PRO C 138 -5.26 -27.83 29.44
CA PRO C 138 -4.79 -29.01 28.70
C PRO C 138 -4.89 -30.29 29.52
N GLY C 139 -4.92 -31.40 28.80
CA GLY C 139 -4.98 -32.68 29.45
C GLY C 139 -5.88 -33.68 28.77
N GLY C 140 -6.91 -33.20 28.09
CA GLY C 140 -7.84 -34.06 27.40
C GLY C 140 -8.00 -33.68 25.94
N ASN C 141 -8.92 -34.38 25.29
CA ASN C 141 -9.33 -34.04 23.94
C ASN C 141 -10.55 -33.13 24.02
N VAL C 142 -11.23 -32.94 22.89
CA VAL C 142 -12.49 -32.19 22.86
C VAL C 142 -13.54 -32.97 23.66
N PRO C 143 -14.29 -32.32 24.54
CA PRO C 143 -15.25 -33.06 25.37
C PRO C 143 -16.43 -33.58 24.55
N ALA C 144 -17.06 -34.62 25.08
CA ALA C 144 -18.07 -35.33 24.30
C ALA C 144 -19.47 -34.74 24.49
N ASP C 145 -19.78 -34.22 25.67
CA ASP C 145 -21.09 -33.67 25.93
C ASP C 145 -20.92 -32.36 26.69
N ARG C 146 -22.03 -31.64 26.85
CA ARG C 146 -21.97 -30.33 27.49
C ARG C 146 -21.71 -30.45 28.97
N ILE C 147 -22.09 -31.59 29.57
CA ILE C 147 -21.94 -31.79 31.01
C ILE C 147 -20.48 -32.02 31.41
N THR C 148 -19.62 -32.35 30.46
CA THR C 148 -18.19 -32.51 30.72
C THR C 148 -17.43 -31.23 30.40
N ALA C 149 -17.88 -30.50 29.39
CA ALA C 149 -17.15 -29.33 28.94
C ALA C 149 -17.33 -28.14 29.86
N MET C 150 -18.33 -28.16 30.72
CA MET C 150 -18.56 -27.01 31.57
C MET C 150 -17.79 -27.05 32.87
N LEU C 151 -16.93 -28.04 33.08
CA LEU C 151 -16.22 -28.13 34.35
C LEU C 151 -15.04 -27.17 34.40
N GLY C 152 -14.70 -26.53 33.30
CA GLY C 152 -13.64 -25.53 33.29
C GLY C 152 -14.19 -24.12 33.38
N THR C 153 -13.37 -23.18 32.91
CA THR C 153 -13.76 -21.77 32.91
C THR C 153 -14.79 -21.53 31.83
N HIS C 154 -15.93 -20.94 32.19
CA HIS C 154 -16.94 -20.69 31.17
C HIS C 154 -17.75 -19.45 31.51
N VAL C 155 -18.55 -19.03 30.54
CA VAL C 155 -19.40 -17.85 30.64
C VAL C 155 -20.67 -18.15 29.87
N ILE C 156 -21.80 -17.64 30.34
CA ILE C 156 -23.09 -17.85 29.69
C ILE C 156 -23.55 -16.53 29.11
N TRP C 157 -23.84 -16.53 27.81
CA TRP C 157 -24.05 -15.32 27.05
C TRP C 157 -25.50 -15.24 26.59
N ASP C 158 -26.17 -14.13 26.91
CA ASP C 158 -27.55 -13.89 26.55
C ASP C 158 -27.60 -12.85 25.44
N PHE C 159 -28.28 -13.17 24.34
CA PHE C 159 -28.41 -12.22 23.24
C PHE C 159 -29.43 -11.15 23.60
N GLY C 160 -29.01 -9.89 23.51
CA GLY C 160 -29.90 -8.81 23.89
C GLY C 160 -29.50 -7.48 23.29
N LEU C 161 -29.61 -6.42 24.09
CA LEU C 161 -29.23 -5.09 23.61
C LEU C 161 -27.73 -4.99 23.39
N GLN C 162 -26.95 -5.36 24.40
CA GLN C 162 -25.51 -5.52 24.22
C GLN C 162 -25.25 -6.77 23.41
N SER C 163 -24.71 -6.60 22.20
CA SER C 163 -24.53 -7.71 21.28
C SER C 163 -23.13 -8.28 21.31
N SER C 164 -22.46 -8.23 22.46
CA SER C 164 -21.11 -8.74 22.55
C SER C 164 -20.84 -9.28 23.93
N VAL C 165 -19.99 -10.29 24.00
CA VAL C 165 -19.52 -10.85 25.26
C VAL C 165 -18.02 -11.03 25.11
N THR C 166 -17.32 -11.15 26.23
CA THR C 166 -15.89 -11.40 26.21
C THR C 166 -15.57 -12.56 27.15
N LEU C 167 -14.89 -13.57 26.62
CA LEU C 167 -14.34 -14.65 27.42
C LEU C 167 -12.85 -14.45 27.57
N VAL C 168 -12.38 -14.31 28.79
CA VAL C 168 -10.96 -14.18 29.03
C VAL C 168 -10.35 -15.57 29.13
N VAL C 169 -9.20 -15.76 28.51
CA VAL C 169 -8.48 -17.02 28.57
C VAL C 169 -7.35 -16.82 29.56
N PRO C 170 -7.50 -17.22 30.81
CA PRO C 170 -6.53 -16.84 31.83
C PRO C 170 -5.22 -17.58 31.67
N TRP C 171 -4.17 -17.00 32.23
CA TRP C 171 -2.85 -17.57 32.10
C TRP C 171 -2.70 -18.69 33.12
N ILE C 172 -2.87 -19.92 32.68
CA ILE C 172 -2.64 -21.09 33.50
C ILE C 172 -1.52 -21.87 32.83
N SER C 173 -0.35 -21.86 33.43
CA SER C 173 0.79 -22.58 32.88
C SER C 173 1.69 -23.01 34.01
N ASN C 174 2.47 -24.05 33.75
CA ASN C 174 3.51 -24.42 34.70
C ASN C 174 4.71 -23.50 34.61
N THR C 175 5.13 -23.17 33.39
CA THR C 175 6.30 -22.34 33.14
C THR C 175 5.91 -20.87 33.05
N HIS C 176 6.91 -19.99 33.17
CA HIS C 176 6.66 -18.57 33.10
C HIS C 176 6.37 -18.11 31.68
N TYR C 177 7.14 -18.61 30.72
CA TYR C 177 6.94 -18.33 29.32
C TYR C 177 6.59 -19.64 28.63
N ARG C 178 6.05 -19.54 27.43
CA ARG C 178 5.53 -20.70 26.75
C ARG C 178 5.86 -20.60 25.27
N ALA C 179 6.68 -21.51 24.78
CA ALA C 179 7.05 -21.51 23.37
C ALA C 179 5.87 -22.02 22.53
N HIS C 180 6.04 -22.01 21.22
CA HIS C 180 4.94 -22.27 20.31
C HIS C 180 4.66 -23.77 20.24
N ALA C 181 3.38 -24.13 20.33
CA ALA C 181 3.00 -25.52 20.25
C ALA C 181 3.11 -26.04 18.83
N ARG C 182 3.22 -27.36 18.70
CA ARG C 182 3.39 -28.04 17.43
C ARG C 182 3.11 -29.51 17.69
N ALA C 183 3.05 -30.28 16.61
CA ALA C 183 2.96 -31.72 16.74
C ALA C 183 4.29 -32.27 17.24
N GLY C 184 4.24 -33.39 17.95
CA GLY C 184 5.47 -34.05 18.33
C GLY C 184 5.84 -33.92 19.78
N TYR C 185 6.85 -33.12 20.08
CA TYR C 185 7.26 -32.93 21.45
C TYR C 185 6.83 -31.58 21.98
N PHE C 186 6.58 -30.63 21.09
CA PHE C 186 6.27 -29.27 21.46
C PHE C 186 4.81 -29.07 21.79
N ASP C 187 3.99 -30.12 21.81
CA ASP C 187 2.64 -30.01 22.36
C ASP C 187 2.63 -30.19 23.87
N TYR C 188 3.80 -30.12 24.51
CA TYR C 188 3.90 -29.85 25.93
C TYR C 188 3.48 -28.42 26.24
N TYR C 189 3.49 -27.55 25.23
CA TYR C 189 3.16 -26.14 25.38
C TYR C 189 1.76 -25.81 24.89
N THR C 190 0.84 -26.76 24.83
CA THR C 190 -0.51 -26.41 24.43
C THR C 190 -1.19 -25.64 25.54
N THR C 191 -2.18 -24.84 25.17
CA THR C 191 -2.91 -24.07 26.16
C THR C 191 -4.39 -24.41 26.24
N GLY C 192 -4.91 -25.29 25.42
CA GLY C 192 -6.23 -25.82 25.65
C GLY C 192 -7.13 -25.59 24.47
N ILE C 193 -8.42 -25.82 24.69
CA ILE C 193 -9.42 -25.89 23.64
C ILE C 193 -10.60 -25.03 24.05
N ILE C 194 -11.09 -24.19 23.12
CA ILE C 194 -12.26 -23.35 23.34
C ILE C 194 -13.41 -23.90 22.52
N THR C 195 -14.47 -24.32 23.19
CA THR C 195 -15.67 -24.83 22.55
C THR C 195 -16.82 -23.87 22.79
N ILE C 196 -17.91 -24.09 22.07
CA ILE C 196 -19.09 -23.25 22.22
C ILE C 196 -20.34 -24.10 21.99
N TRP C 197 -21.24 -24.10 22.98
CA TRP C 197 -22.36 -25.01 23.05
C TRP C 197 -23.66 -24.23 23.09
N TYR C 198 -24.75 -24.91 22.76
CA TYR C 198 -26.08 -24.33 22.88
C TYR C 198 -26.57 -24.52 24.30
N GLN C 199 -26.74 -23.43 25.04
CA GLN C 199 -27.41 -23.54 26.32
C GLN C 199 -28.90 -23.78 26.13
N THR C 200 -29.60 -22.84 25.53
CA THR C 200 -30.97 -23.04 25.07
C THR C 200 -30.98 -22.90 23.56
N ASN C 201 -32.14 -23.01 22.93
CA ASN C 201 -32.22 -22.99 21.49
C ASN C 201 -32.08 -21.56 20.95
N TYR C 202 -32.10 -21.46 19.63
CA TYR C 202 -32.13 -20.18 18.93
C TYR C 202 -33.58 -19.96 18.50
N VAL C 203 -34.29 -19.12 19.24
CA VAL C 203 -35.73 -18.96 19.07
C VAL C 203 -35.99 -17.75 18.18
N VAL C 204 -36.88 -17.89 17.23
CA VAL C 204 -37.14 -16.86 16.23
C VAL C 204 -38.63 -16.87 15.90
N PRO C 205 -39.26 -15.71 15.68
CA PRO C 205 -40.69 -15.71 15.32
C PRO C 205 -40.93 -15.95 13.85
N ILE C 206 -42.19 -15.82 13.42
CA ILE C 206 -42.51 -15.94 12.00
C ILE C 206 -42.19 -14.62 11.30
N GLY C 207 -41.53 -14.72 10.16
CA GLY C 207 -41.17 -13.56 9.40
C GLY C 207 -39.72 -13.13 9.54
N ALA C 208 -38.96 -13.77 10.41
CA ALA C 208 -37.56 -13.46 10.57
C ALA C 208 -36.72 -14.67 10.18
N PRO C 209 -35.52 -14.47 9.62
CA PRO C 209 -34.76 -15.60 9.06
C PRO C 209 -34.20 -16.51 10.15
N THR C 210 -34.09 -17.78 9.80
CA THR C 210 -33.82 -18.85 10.75
C THR C 210 -32.36 -19.21 10.88
N THR C 211 -31.44 -18.36 10.42
CA THR C 211 -30.02 -18.65 10.50
C THR C 211 -29.27 -17.34 10.71
N ALA C 212 -28.50 -17.26 11.78
CA ALA C 212 -27.73 -16.08 12.12
C ALA C 212 -26.25 -16.43 12.03
N TYR C 213 -25.41 -15.42 12.25
CA TYR C 213 -23.97 -15.60 12.17
C TYR C 213 -23.30 -14.90 13.34
N ILE C 214 -22.15 -15.42 13.74
CA ILE C 214 -21.38 -14.88 14.85
C ILE C 214 -19.97 -14.57 14.36
N VAL C 215 -19.48 -13.37 14.65
CA VAL C 215 -18.12 -12.98 14.35
C VAL C 215 -17.29 -13.06 15.62
N ALA C 216 -16.09 -13.63 15.52
CA ALA C 216 -15.24 -13.82 16.68
C ALA C 216 -13.98 -12.99 16.53
N LEU C 217 -13.67 -12.21 17.56
CA LEU C 217 -12.53 -11.30 17.58
C LEU C 217 -11.60 -11.72 18.70
N ALA C 218 -10.33 -11.34 18.58
CA ALA C 218 -9.34 -11.76 19.56
C ALA C 218 -8.32 -10.66 19.80
N ALA C 219 -7.82 -10.56 21.02
CA ALA C 219 -6.86 -9.54 21.39
C ALA C 219 -5.98 -10.09 22.50
N ALA C 220 -5.31 -9.19 23.19
CA ALA C 220 -4.46 -9.52 24.32
C ALA C 220 -4.81 -8.66 25.52
N GLN C 221 -4.40 -9.11 26.68
CA GLN C 221 -4.62 -8.39 27.92
C GLN C 221 -3.45 -7.45 28.18
N ASP C 222 -3.35 -6.93 29.39
CA ASP C 222 -2.31 -5.97 29.70
C ASP C 222 -1.05 -6.61 30.24
N ASN C 223 -1.09 -7.91 30.56
CA ASN C 223 0.10 -8.61 31.02
C ASN C 223 0.73 -9.49 29.94
N PHE C 224 0.41 -9.23 28.68
CA PHE C 224 0.94 -10.00 27.57
C PHE C 224 2.33 -9.49 27.22
N THR C 225 3.29 -10.40 27.10
CA THR C 225 4.64 -10.06 26.67
C THR C 225 5.14 -11.12 25.70
N MET C 226 6.26 -10.81 25.05
CA MET C 226 6.93 -11.71 24.11
C MET C 226 8.43 -11.52 24.22
N LYS C 227 9.20 -12.52 23.81
CA LYS C 227 10.65 -12.40 23.78
C LYS C 227 11.24 -13.37 22.75
N LEU C 228 12.57 -13.26 22.57
CA LEU C 228 13.40 -14.10 21.70
C LEU C 228 12.96 -14.01 20.23
N CYS C 229 13.26 -12.85 19.64
CA CYS C 229 12.86 -12.54 18.28
C CYS C 229 13.52 -13.47 17.25
N LYS C 230 12.73 -13.92 16.28
CA LYS C 230 13.16 -14.80 15.21
C LYS C 230 12.47 -14.35 13.92
N ASP C 231 12.49 -15.18 12.89
CA ASP C 231 11.75 -14.87 11.68
C ASP C 231 10.57 -15.79 11.47
N THR C 232 9.67 -15.36 10.59
CA THR C 232 8.44 -16.07 10.35
C THR C 232 8.52 -16.93 9.09
N GLU C 233 7.71 -17.98 9.05
CA GLU C 233 7.52 -18.76 7.84
C GLU C 233 6.28 -18.33 7.09
N ASP C 234 5.69 -17.19 7.42
CA ASP C 234 4.47 -16.76 6.76
C ASP C 234 4.75 -16.06 5.44
N ILE C 235 6.02 -15.85 5.11
CA ILE C 235 6.39 -15.36 3.79
C ILE C 235 7.44 -16.32 3.23
N GLU C 236 7.39 -16.56 1.92
CA GLU C 236 8.38 -17.37 1.22
C GLU C 236 8.69 -16.71 -0.12
N GLN C 237 9.97 -16.69 -0.46
CA GLN C 237 10.45 -16.08 -1.71
C GLN C 237 11.06 -17.19 -2.53
N THR C 238 10.23 -17.88 -3.29
CA THR C 238 10.73 -18.99 -4.12
C THR C 238 11.35 -18.48 -5.40
N ALA C 239 10.79 -17.41 -5.96
CA ALA C 239 11.30 -16.81 -7.18
C ALA C 239 11.85 -15.43 -6.89
N ASN C 240 12.69 -14.93 -7.79
CA ASN C 240 13.21 -13.58 -7.65
C ASN C 240 12.12 -12.56 -7.96
N ILE C 241 12.14 -11.47 -7.21
CA ILE C 241 11.14 -10.43 -7.39
C ILE C 241 11.45 -9.64 -8.64
N GLN C 242 10.44 -9.50 -9.51
CA GLN C 242 10.44 -8.79 -10.80
C GLN C 242 11.35 -9.43 -11.85
N HIS D 13 31.49 20.47 21.58
CA HIS D 13 30.50 19.41 21.68
C HIS D 13 30.44 18.62 20.38
N GLU D 14 29.27 18.68 19.72
CA GLU D 14 29.05 18.06 18.42
C GLU D 14 27.81 18.68 17.80
N ASN D 15 27.71 18.60 16.47
CA ASN D 15 26.54 19.11 15.78
C ASN D 15 25.42 18.08 15.88
N SER D 16 24.27 18.51 16.39
CA SER D 16 23.18 17.59 16.68
C SER D 16 22.35 17.32 15.45
N ASN D 17 22.58 16.18 14.80
CA ASN D 17 21.83 15.80 13.61
C ASN D 17 21.51 14.31 13.70
N SER D 18 20.40 14.00 14.33
CA SER D 18 19.96 12.61 14.43
C SER D 18 18.49 12.57 14.02
N ALA D 19 18.04 11.39 13.58
CA ALA D 19 16.66 11.23 13.19
C ALA D 19 15.72 11.21 14.38
N SER D 20 16.25 10.96 15.57
CA SER D 20 15.49 11.04 16.82
C SER D 20 16.09 12.20 17.61
N GLU D 21 15.55 13.39 17.42
CA GLU D 21 16.03 14.58 18.11
C GLU D 21 14.94 15.35 18.83
N GLY D 22 13.72 15.38 18.29
CA GLY D 22 12.62 16.05 18.96
C GLY D 22 12.14 15.22 20.14
N SER D 23 11.65 14.01 19.85
CA SER D 23 11.39 13.01 20.86
C SER D 23 12.50 11.98 20.75
N THR D 24 13.42 11.99 21.70
CA THR D 24 14.64 11.19 21.67
C THR D 24 14.42 10.01 22.64
N ILE D 25 15.40 9.11 22.71
CA ILE D 25 15.34 7.86 23.46
C ILE D 25 16.40 8.01 24.54
N ASN D 26 16.65 6.96 25.34
CA ASN D 26 17.50 6.98 26.53
C ASN D 26 18.94 7.44 26.21
N TYR D 27 19.65 7.83 27.26
CA TYR D 27 20.83 8.69 27.15
C TYR D 27 22.14 7.90 27.16
N THR D 28 22.15 6.70 26.58
CA THR D 28 23.27 5.78 26.71
C THR D 28 24.00 5.53 25.39
N THR D 29 23.92 6.45 24.44
CA THR D 29 24.57 6.25 23.17
C THR D 29 26.06 6.57 23.25
N ILE D 30 26.85 5.89 22.44
CA ILE D 30 28.29 6.04 22.41
C ILE D 30 28.67 6.60 21.05
N ASN D 31 29.57 7.59 21.03
CA ASN D 31 29.93 8.23 19.77
C ASN D 31 31.37 8.66 19.83
N TYR D 32 32.10 8.43 18.74
CA TYR D 32 33.48 8.85 18.62
C TYR D 32 33.70 9.90 17.54
N TYR D 33 32.77 10.07 16.62
CA TYR D 33 32.91 11.05 15.56
C TYR D 33 32.17 12.32 15.97
N LYS D 34 32.15 13.30 15.09
CA LYS D 34 31.48 14.55 15.39
C LYS D 34 30.01 14.53 15.00
N ASP D 35 29.61 13.65 14.09
CA ASP D 35 28.26 13.63 13.55
C ASP D 35 27.40 12.68 14.37
N ALA D 36 26.28 13.19 14.88
CA ALA D 36 25.52 12.49 15.90
C ALA D 36 24.72 11.31 15.36
N TYR D 37 24.53 11.22 14.05
CA TYR D 37 23.82 10.09 13.49
C TYR D 37 24.67 8.84 13.43
N ALA D 38 25.97 8.96 13.64
CA ALA D 38 26.86 7.81 13.58
C ALA D 38 26.91 7.06 14.89
N ALA D 39 26.14 7.45 15.89
CA ALA D 39 26.25 6.90 17.22
C ALA D 39 25.70 5.49 17.28
N SER D 40 25.83 4.86 18.44
CA SER D 40 25.27 3.54 18.63
C SER D 40 23.78 3.66 18.91
N ALA D 41 23.09 2.53 18.99
CA ALA D 41 21.65 2.58 19.23
C ALA D 41 21.34 2.86 20.69
N GLY D 42 21.97 2.15 21.61
CA GLY D 42 21.67 2.34 23.01
C GLY D 42 20.39 1.63 23.42
N ARG D 43 20.13 1.64 24.72
CA ARG D 43 18.94 0.95 25.20
C ARG D 43 17.70 1.82 24.98
N GLN D 44 16.64 1.17 24.55
CA GLN D 44 15.43 1.88 24.14
C GLN D 44 14.56 2.24 25.33
N ASP D 45 13.54 3.05 25.05
CA ASP D 45 12.70 3.60 26.09
C ASP D 45 11.47 2.73 26.30
N MET D 46 10.92 2.83 27.51
CA MET D 46 9.85 1.94 27.93
C MET D 46 8.48 2.58 27.81
N SER D 47 8.39 3.80 27.27
CA SER D 47 7.12 4.51 27.22
C SER D 47 6.23 3.93 26.13
N GLN D 48 4.92 3.99 26.38
CA GLN D 48 3.92 3.53 25.43
C GLN D 48 2.59 4.17 25.78
N ASP D 49 1.68 4.20 24.80
CA ASP D 49 0.38 4.82 24.94
C ASP D 49 -0.63 3.85 24.36
N PRO D 50 -1.15 2.94 25.16
CA PRO D 50 -2.01 1.88 24.60
C PRO D 50 -3.44 2.32 24.40
N LYS D 51 -3.78 3.51 24.87
CA LYS D 51 -5.16 3.96 24.88
C LYS D 51 -5.61 4.54 23.55
N LYS D 52 -4.71 5.09 22.74
CA LYS D 52 -5.11 5.77 21.53
C LYS D 52 -5.33 4.84 20.36
N PHE D 53 -5.13 3.54 20.54
CA PHE D 53 -5.55 2.56 19.55
C PHE D 53 -6.70 1.70 20.01
N THR D 54 -6.83 1.46 21.31
CA THR D 54 -7.87 0.59 21.83
C THR D 54 -9.07 1.35 22.36
N ASP D 55 -8.97 2.66 22.55
CA ASP D 55 -10.11 3.48 22.97
C ASP D 55 -10.01 4.83 22.29
N PRO D 56 -10.25 4.88 20.97
CA PRO D 56 -10.23 6.16 20.25
C PRO D 56 -11.62 6.79 20.17
N VAL D 57 -12.26 6.91 21.32
CA VAL D 57 -13.70 7.14 21.39
C VAL D 57 -13.95 8.36 22.27
N MET D 58 -14.85 9.25 21.81
CA MET D 58 -15.02 10.56 22.42
C MET D 58 -15.57 10.46 23.83
N ASP D 59 -16.73 9.85 24.01
CA ASP D 59 -17.32 9.75 25.34
C ASP D 59 -16.78 8.52 26.06
N VAL D 60 -16.34 8.72 27.29
CA VAL D 60 -15.54 7.71 27.99
C VAL D 60 -16.43 6.57 28.46
N ILE D 61 -16.01 5.34 28.13
CA ILE D 61 -16.69 4.13 28.54
C ILE D 61 -15.92 3.50 29.69
N HIS D 62 -16.59 3.29 30.82
CA HIS D 62 -15.99 2.64 31.97
C HIS D 62 -16.11 1.12 31.86
N GLU D 63 -15.64 0.42 32.89
CA GLU D 63 -15.69 -1.04 32.87
C GLU D 63 -16.95 -1.59 33.51
N MET D 64 -17.50 -0.90 34.52
CA MET D 64 -18.65 -1.45 35.23
C MET D 64 -19.97 -1.14 34.54
N ALA D 65 -20.10 0.05 33.97
CA ALA D 65 -21.36 0.48 33.41
C ALA D 65 -21.58 -0.14 32.02
N PRO D 66 -22.84 -0.42 31.67
CA PRO D 66 -23.14 -0.91 30.32
C PRO D 66 -22.90 0.17 29.28
N PRO D 67 -22.27 -0.17 28.16
CA PRO D 67 -21.75 0.88 27.27
C PRO D 67 -22.78 1.52 26.36
N LEU D 68 -23.94 0.90 26.14
CA LEU D 68 -24.92 1.42 25.20
C LEU D 68 -26.23 1.74 25.90
N LYS D 69 -26.14 2.35 27.08
CA LYS D 69 -27.32 2.74 27.82
C LYS D 69 -27.25 4.22 28.19
N GLU E 1 -13.30 0.30 -31.75
CA GLU E 1 -12.18 1.22 -31.63
C GLU E 1 -12.42 2.46 -32.48
N ILE E 2 -11.66 3.51 -32.19
CA ILE E 2 -11.90 4.80 -32.84
C ILE E 2 -11.24 4.82 -34.20
N VAL E 3 -12.02 5.09 -35.24
CA VAL E 3 -11.60 4.96 -36.62
C VAL E 3 -11.26 6.35 -37.16
N LEU E 4 -10.16 6.42 -37.89
CA LEU E 4 -9.76 7.64 -38.59
C LEU E 4 -9.86 7.41 -40.09
N THR E 5 -10.67 8.23 -40.76
CA THR E 5 -10.83 8.18 -42.21
C THR E 5 -10.12 9.37 -42.81
N GLN E 6 -8.99 9.12 -43.44
CA GLN E 6 -8.16 10.17 -44.03
C GLN E 6 -8.44 10.24 -45.52
N SER E 7 -8.88 11.40 -45.98
CA SER E 7 -9.38 11.58 -47.34
C SER E 7 -8.74 12.81 -47.96
N PRO E 8 -8.38 12.74 -49.26
CA PRO E 8 -8.51 11.66 -50.24
C PRO E 8 -7.44 10.58 -50.10
N THR E 9 -7.25 9.79 -51.15
CA THR E 9 -6.20 8.77 -51.11
C THR E 9 -5.00 9.15 -51.97
N THR E 10 -5.24 9.94 -53.04
CA THR E 10 -4.21 10.34 -53.97
C THR E 10 -4.22 11.85 -54.14
N MET E 11 -3.08 12.41 -54.56
CA MET E 11 -2.99 13.84 -54.84
C MET E 11 -1.89 14.13 -55.84
N ALA E 12 -2.17 15.11 -56.71
CA ALA E 12 -1.21 15.59 -57.72
C ALA E 12 -1.53 17.05 -58.05
N ALA E 13 -0.61 17.95 -57.69
CA ALA E 13 -0.82 19.38 -57.90
C ALA E 13 0.49 20.02 -58.32
N SER E 14 0.39 21.29 -58.71
CA SER E 14 1.52 22.08 -59.19
C SER E 14 2.19 22.79 -58.03
N PRO E 15 3.41 23.31 -58.23
CA PRO E 15 4.00 24.23 -57.24
C PRO E 15 3.14 25.47 -57.03
N GLY E 16 3.20 26.01 -55.80
CA GLY E 16 2.46 27.20 -55.45
C GLY E 16 0.97 26.99 -55.20
N GLU E 17 0.45 25.77 -55.37
CA GLU E 17 -0.97 25.52 -55.24
C GLU E 17 -1.25 24.93 -53.86
N LYS E 18 -2.48 25.10 -53.40
CA LYS E 18 -2.86 24.64 -52.07
C LYS E 18 -3.06 23.14 -52.05
N ILE E 19 -2.55 22.50 -50.99
CA ILE E 19 -2.70 21.07 -50.76
C ILE E 19 -3.49 20.88 -49.47
N THR E 20 -4.69 20.31 -49.58
CA THR E 20 -5.57 20.13 -48.44
C THR E 20 -5.75 18.64 -48.16
N ILE E 21 -5.30 18.22 -46.98
CA ILE E 21 -5.35 16.81 -46.56
C ILE E 21 -6.27 16.72 -45.35
N THR E 22 -7.35 15.94 -45.49
CA THR E 22 -8.44 15.96 -44.53
C THR E 22 -8.52 14.62 -43.80
N CYS E 23 -8.68 14.69 -42.47
CA CYS E 23 -8.96 13.54 -41.63
C CYS E 23 -10.32 13.73 -41.00
N SER E 24 -11.12 12.67 -40.95
CA SER E 24 -12.45 12.71 -40.36
C SER E 24 -12.54 11.68 -39.25
N ALA E 25 -12.83 12.13 -38.03
CA ALA E 25 -12.90 11.28 -36.86
C ALA E 25 -14.35 11.03 -36.50
N SER E 26 -14.65 9.81 -36.04
CA SER E 26 -16.03 9.43 -35.78
C SER E 26 -16.59 10.15 -34.55
N SER E 27 -15.76 10.37 -33.54
CA SER E 27 -16.16 11.04 -32.31
C SER E 27 -15.50 12.40 -32.24
N SER E 28 -16.20 13.37 -31.65
CA SER E 28 -15.62 14.67 -31.41
C SER E 28 -14.57 14.58 -30.30
N ILE E 29 -13.31 14.79 -30.68
CA ILE E 29 -12.19 14.56 -29.78
C ILE E 29 -11.48 15.87 -29.48
N SER E 30 -10.55 15.81 -28.52
CA SER E 30 -9.78 16.98 -28.15
C SER E 30 -8.77 17.32 -29.23
N SER E 31 -8.71 18.60 -29.58
CA SER E 31 -7.93 19.01 -30.75
C SER E 31 -6.44 19.08 -30.45
N ASN E 32 -6.08 19.18 -29.16
CA ASN E 32 -4.68 19.42 -28.83
C ASN E 32 -3.86 18.13 -28.79
N TYR E 33 -4.50 16.97 -28.88
CA TYR E 33 -3.74 15.73 -28.87
C TYR E 33 -3.53 15.18 -30.29
N LEU E 34 -3.97 15.92 -31.30
CA LEU E 34 -3.79 15.48 -32.68
C LEU E 34 -2.44 15.91 -33.23
N HIS E 35 -1.83 15.04 -34.02
CA HIS E 35 -0.46 15.19 -34.49
C HIS E 35 -0.38 14.83 -35.97
N TRP E 36 0.70 15.22 -36.62
CA TRP E 36 0.95 14.90 -38.02
C TRP E 36 2.38 14.40 -38.18
N TYR E 37 2.55 13.40 -39.04
CA TYR E 37 3.85 12.74 -39.22
C TYR E 37 4.19 12.64 -40.69
N GLN E 38 5.48 12.60 -40.97
CA GLN E 38 6.01 12.61 -42.33
C GLN E 38 7.00 11.48 -42.52
N GLN E 39 6.77 10.66 -43.54
CA GLN E 39 7.60 9.49 -43.79
C GLN E 39 8.28 9.62 -45.14
N LYS E 40 9.58 9.97 -45.12
CA LYS E 40 10.46 9.88 -46.27
C LYS E 40 10.52 8.43 -46.76
N PRO E 41 10.54 8.21 -48.07
CA PRO E 41 10.55 6.83 -48.59
C PRO E 41 11.81 6.05 -48.20
N GLY E 42 11.59 4.90 -47.58
CA GLY E 42 12.68 4.05 -47.12
C GLY E 42 13.31 4.51 -45.82
N PHE E 43 12.67 5.46 -45.12
CA PHE E 43 13.23 6.03 -43.91
C PHE E 43 12.17 6.10 -42.83
N SER E 44 12.62 6.39 -41.61
CA SER E 44 11.74 6.46 -40.46
C SER E 44 10.84 7.69 -40.54
N PRO E 45 9.65 7.65 -39.92
CA PRO E 45 8.79 8.82 -39.92
C PRO E 45 9.36 9.97 -39.10
N LYS E 46 8.81 11.17 -39.32
CA LYS E 46 9.27 12.37 -38.64
C LYS E 46 8.06 13.21 -38.26
N LEU E 47 8.09 13.75 -37.03
CA LEU E 47 7.03 14.61 -36.54
C LEU E 47 7.06 15.95 -37.27
N LEU E 48 5.91 16.35 -37.80
CA LEU E 48 5.75 17.68 -38.39
C LEU E 48 5.08 18.64 -37.45
N ILE E 49 3.87 18.27 -37.01
CA ILE E 49 2.91 19.19 -36.42
C ILE E 49 2.43 18.60 -35.10
N TYR E 50 2.59 19.35 -34.02
CA TYR E 50 1.95 19.06 -32.76
C TYR E 50 0.99 20.21 -32.45
N ARG E 51 -0.03 19.92 -31.62
CA ARG E 51 -1.00 20.92 -31.14
C ARG E 51 -1.86 21.49 -32.28
N THR E 52 -1.80 20.82 -33.45
CA THR E 52 -2.50 21.11 -34.72
C THR E 52 -2.17 22.47 -35.34
N SER E 53 -1.27 23.25 -34.75
CA SER E 53 -0.90 24.54 -35.31
C SER E 53 0.58 24.85 -35.21
N ASN E 54 1.38 24.00 -34.57
CA ASN E 54 2.75 24.34 -34.22
C ASN E 54 3.73 23.28 -34.71
N LEU E 55 4.99 23.69 -34.84
CA LEU E 55 5.99 22.94 -35.59
C LEU E 55 7.22 22.71 -34.74
N ALA E 56 7.96 21.65 -35.07
CA ALA E 56 9.20 21.35 -34.37
C ALA E 56 10.38 22.05 -35.04
N SER E 57 11.54 21.92 -34.41
CA SER E 57 12.75 22.55 -34.94
C SER E 57 13.28 21.77 -36.13
N GLY E 58 13.67 22.51 -37.17
CA GLY E 58 14.09 21.91 -38.41
C GLY E 58 13.02 21.89 -39.49
N VAL E 59 11.85 22.46 -39.22
CA VAL E 59 10.73 22.43 -40.16
C VAL E 59 10.43 23.86 -40.62
N PRO E 60 10.25 24.09 -41.92
CA PRO E 60 9.82 25.43 -42.38
C PRO E 60 8.38 25.71 -41.98
N ALA E 61 8.08 27.00 -41.87
CA ALA E 61 6.84 27.42 -41.21
C ALA E 61 5.67 27.48 -42.19
N ARG E 62 5.80 26.87 -43.37
CA ARG E 62 4.70 26.87 -44.32
C ARG E 62 3.59 25.92 -43.92
N PHE E 63 3.92 24.93 -43.10
CA PHE E 63 2.94 23.93 -42.70
C PHE E 63 2.05 24.47 -41.58
N SER E 64 0.74 24.28 -41.73
CA SER E 64 -0.21 24.74 -40.74
C SER E 64 -1.50 23.93 -40.89
N GLY E 65 -2.35 24.01 -39.86
CA GLY E 65 -3.61 23.30 -39.89
C GLY E 65 -4.61 23.92 -38.96
N SER E 66 -5.89 23.66 -39.25
CA SER E 66 -7.01 24.13 -38.44
C SER E 66 -8.15 23.14 -38.55
N GLY E 67 -8.52 22.54 -37.42
CA GLY E 67 -9.61 21.59 -37.39
C GLY E 67 -10.20 21.43 -36.01
N SER E 68 -11.49 21.11 -35.93
CA SER E 68 -12.16 20.87 -34.65
C SER E 68 -13.28 19.87 -34.84
N GLY E 69 -13.46 18.99 -33.85
CA GLY E 69 -14.60 18.09 -33.85
C GLY E 69 -14.38 16.88 -34.71
N THR E 70 -15.17 16.79 -35.79
CA THR E 70 -15.10 15.63 -36.66
C THR E 70 -14.03 15.78 -37.73
N SER E 71 -14.04 16.89 -38.46
CA SER E 71 -13.15 17.12 -39.59
C SER E 71 -11.85 17.76 -39.11
N TYR E 72 -10.74 17.41 -39.77
CA TYR E 72 -9.42 17.90 -39.40
C TYR E 72 -8.58 18.02 -40.66
N SER E 73 -8.02 19.21 -40.91
CA SER E 73 -7.32 19.48 -42.17
C SER E 73 -5.96 20.09 -41.91
N LEU E 74 -5.01 19.81 -42.80
CA LEU E 74 -3.68 20.40 -42.80
C LEU E 74 -3.39 20.94 -44.20
N THR E 75 -2.74 22.11 -44.27
CA THR E 75 -2.63 22.82 -45.53
C THR E 75 -1.18 23.25 -45.77
N ILE E 76 -0.67 22.91 -46.95
CA ILE E 76 0.59 23.44 -47.47
C ILE E 76 0.33 24.03 -48.85
N GLY E 77 0.77 25.27 -49.06
CA GLY E 77 0.54 25.93 -50.34
C GLY E 77 1.76 26.56 -50.96
N THR E 78 2.92 25.91 -50.89
CA THR E 78 4.17 26.51 -51.31
C THR E 78 4.72 25.85 -52.56
N MET E 79 5.90 26.33 -52.99
CA MET E 79 6.40 26.04 -54.31
C MET E 79 7.28 24.79 -54.32
N GLU E 80 8.14 24.65 -53.31
CA GLU E 80 9.17 23.63 -53.33
C GLU E 80 8.56 22.25 -53.15
N ALA E 81 9.14 21.26 -53.85
CA ALA E 81 8.65 19.90 -53.81
C ALA E 81 9.75 18.89 -53.50
N GLU E 82 10.77 19.30 -52.73
CA GLU E 82 11.84 18.38 -52.37
C GLU E 82 11.36 17.34 -51.35
N ASP E 83 10.23 17.61 -50.70
CA ASP E 83 9.62 16.72 -49.72
C ASP E 83 8.37 16.07 -50.32
N VAL E 84 8.55 14.91 -50.93
CA VAL E 84 7.44 14.06 -51.34
C VAL E 84 7.40 12.86 -50.39
N ALA E 85 6.26 12.65 -49.76
CA ALA E 85 6.20 11.72 -48.65
C ALA E 85 4.76 11.28 -48.42
N THR E 86 4.60 10.31 -47.53
CA THR E 86 3.28 9.91 -47.05
C THR E 86 3.00 10.61 -45.72
N TYR E 87 1.75 11.03 -45.54
CA TYR E 87 1.35 11.81 -44.37
C TYR E 87 0.30 11.05 -43.57
N TYR E 88 0.44 11.08 -42.25
CA TYR E 88 -0.45 10.36 -41.34
C TYR E 88 -0.88 11.29 -40.22
N CYS E 89 -2.19 11.40 -40.00
CA CYS E 89 -2.69 12.06 -38.81
C CYS E 89 -2.90 11.05 -37.70
N GLN E 90 -2.36 11.33 -36.52
CA GLN E 90 -2.39 10.41 -35.39
C GLN E 90 -3.07 11.09 -34.20
N GLN E 91 -4.23 10.58 -33.82
CA GLN E 91 -4.98 11.08 -32.67
C GLN E 91 -4.52 10.33 -31.44
N GLY E 92 -4.52 11.00 -30.28
CA GLY E 92 -4.11 10.40 -29.04
C GLY E 92 -4.99 10.70 -27.83
N SER E 93 -6.20 11.22 -28.05
CA SER E 93 -7.04 11.59 -26.91
C SER E 93 -7.67 10.37 -26.26
N SER E 94 -8.00 9.36 -27.05
CA SER E 94 -8.67 8.17 -26.56
C SER E 94 -7.79 6.95 -26.78
N ILE E 95 -7.97 5.95 -25.93
CA ILE E 95 -7.02 4.83 -25.86
C ILE E 95 -7.63 3.62 -26.57
N PRO E 96 -6.91 2.94 -27.49
CA PRO E 96 -5.55 3.17 -27.95
C PRO E 96 -5.42 4.29 -28.97
N HIS E 97 -4.27 4.96 -29.00
CA HIS E 97 -4.05 6.01 -29.98
C HIS E 97 -3.76 5.40 -31.34
N THR E 98 -4.49 5.86 -32.36
CA THR E 98 -4.48 5.24 -33.68
C THR E 98 -4.10 6.26 -34.74
N PHE E 99 -3.44 5.77 -35.79
CA PHE E 99 -3.02 6.63 -36.89
C PHE E 99 -4.15 6.79 -37.90
N GLY E 100 -3.88 7.58 -38.94
CA GLY E 100 -4.87 7.82 -39.98
C GLY E 100 -4.83 6.77 -41.07
N GLY E 101 -5.58 7.04 -42.14
CA GLY E 101 -5.60 6.13 -43.28
C GLY E 101 -4.33 6.20 -44.11
N GLY E 102 -3.80 7.40 -44.33
CA GLY E 102 -2.60 7.55 -45.13
C GLY E 102 -2.83 8.38 -46.39
N THR E 103 -1.96 9.35 -46.63
CA THR E 103 -2.04 10.18 -47.82
C THR E 103 -0.62 10.42 -48.32
N LYS E 104 -0.44 10.17 -49.61
CA LYS E 104 0.80 10.36 -50.35
C LYS E 104 0.49 11.29 -51.52
N LEU E 105 1.47 12.11 -51.94
CA LEU E 105 1.26 13.10 -52.98
C LEU E 105 2.23 12.83 -54.12
N GLU E 106 1.94 13.44 -55.27
CA GLU E 106 2.82 13.33 -56.42
C GLU E 106 2.91 14.70 -57.09
N ILE E 107 4.05 14.95 -57.73
CA ILE E 107 4.36 16.25 -58.29
C ILE E 107 4.36 16.15 -59.80
N LYS E 108 4.41 17.32 -60.45
CA LYS E 108 4.43 17.38 -61.91
C LYS E 108 5.79 17.82 -62.43
N GLU F 1 23.92 14.87 -29.77
CA GLU F 1 22.65 14.54 -30.40
C GLU F 1 22.13 13.21 -29.89
N VAL F 2 20.83 12.96 -30.14
CA VAL F 2 20.14 11.77 -29.64
C VAL F 2 19.61 11.00 -30.85
N GLN F 3 20.05 9.76 -31.00
CA GLN F 3 19.58 8.89 -32.07
C GLN F 3 19.28 7.50 -31.52
N LEU F 4 18.30 6.85 -32.12
CA LEU F 4 17.88 5.51 -31.74
C LEU F 4 18.55 4.50 -32.66
N GLN F 5 19.13 3.46 -32.06
CA GLN F 5 19.80 2.40 -32.81
C GLN F 5 19.09 1.08 -32.57
N GLN F 6 18.70 0.42 -33.66
CA GLN F 6 17.95 -0.82 -33.58
C GLN F 6 18.82 -2.00 -33.97
N SER F 7 18.19 -3.17 -34.03
CA SER F 7 18.90 -4.38 -34.46
C SER F 7 18.61 -4.68 -35.93
N GLY F 8 19.37 -5.64 -36.47
CA GLY F 8 19.23 -6.04 -37.85
C GLY F 8 18.00 -6.91 -38.06
N PRO F 9 17.68 -7.20 -39.32
CA PRO F 9 16.52 -8.05 -39.61
C PRO F 9 16.81 -9.51 -39.32
N GLU F 10 15.83 -10.20 -38.73
CA GLU F 10 15.98 -11.58 -38.33
C GLU F 10 14.92 -12.45 -38.99
N LEU F 11 15.34 -13.61 -39.50
CA LEU F 11 14.49 -14.53 -40.23
C LEU F 11 14.31 -15.80 -39.41
N VAL F 12 13.05 -16.13 -39.09
CA VAL F 12 12.70 -17.35 -38.37
C VAL F 12 11.48 -17.98 -39.04
N LYS F 13 11.20 -19.23 -38.63
CA LYS F 13 10.07 -19.98 -39.14
C LYS F 13 8.80 -19.63 -38.36
N PRO F 14 7.62 -19.89 -38.92
CA PRO F 14 6.39 -19.73 -38.14
C PRO F 14 6.29 -20.75 -37.02
N GLY F 15 6.03 -20.26 -35.82
CA GLY F 15 5.92 -21.12 -34.66
C GLY F 15 7.10 -21.10 -33.72
N ALA F 16 8.00 -20.12 -33.84
CA ALA F 16 9.17 -20.00 -32.99
C ALA F 16 9.24 -18.60 -32.41
N SER F 17 10.07 -18.42 -31.39
CA SER F 17 10.25 -17.12 -30.78
C SER F 17 11.46 -16.41 -31.35
N VAL F 18 11.40 -15.08 -31.43
CA VAL F 18 12.52 -14.27 -31.90
C VAL F 18 12.58 -13.01 -31.05
N LYS F 19 13.76 -12.43 -30.97
CA LYS F 19 14.03 -11.25 -30.17
C LYS F 19 14.36 -10.08 -31.07
N MET F 20 13.86 -8.89 -30.72
CA MET F 20 14.30 -7.66 -31.36
C MET F 20 14.57 -6.63 -30.28
N SER F 21 15.68 -5.92 -30.41
CA SER F 21 16.22 -5.08 -29.36
C SER F 21 16.77 -3.80 -29.96
N CYS F 22 16.28 -2.66 -29.48
CA CYS F 22 16.78 -1.36 -29.91
C CYS F 22 17.37 -0.63 -28.71
N LYS F 23 18.51 0.04 -28.93
CA LYS F 23 19.28 0.66 -27.87
C LYS F 23 19.46 2.14 -28.17
N ALA F 24 19.33 2.97 -27.14
CA ALA F 24 19.43 4.41 -27.28
C ALA F 24 20.52 4.95 -26.35
N SER F 25 21.07 6.10 -26.73
CA SER F 25 22.09 6.78 -25.96
C SER F 25 22.02 8.27 -26.27
N GLY F 26 22.91 9.02 -25.64
CA GLY F 26 22.93 10.46 -25.79
C GLY F 26 22.01 11.22 -24.87
N TYR F 27 21.21 10.52 -24.07
CA TYR F 27 20.29 11.13 -23.13
C TYR F 27 20.01 10.14 -22.02
N THR F 28 19.44 10.63 -20.94
CA THR F 28 19.16 9.78 -19.78
C THR F 28 17.97 8.87 -20.07
N PHE F 29 18.20 7.56 -19.93
CA PHE F 29 17.23 6.57 -20.37
C PHE F 29 16.02 6.53 -19.45
N THR F 30 16.19 6.99 -18.21
CA THR F 30 15.16 6.78 -17.20
C THR F 30 14.08 7.85 -17.28
N ASP F 31 14.37 8.99 -17.90
CA ASP F 31 13.44 10.12 -17.83
C ASP F 31 12.31 10.01 -18.86
N TYR F 32 12.56 9.36 -19.98
CA TYR F 32 11.60 9.34 -21.06
C TYR F 32 11.05 7.93 -21.29
N TYR F 33 9.88 7.87 -21.90
CA TYR F 33 9.20 6.62 -22.18
C TYR F 33 9.69 6.04 -23.50
N MET F 34 9.17 4.86 -23.84
CA MET F 34 9.51 4.19 -25.08
C MET F 34 8.27 3.50 -25.64
N LYS F 35 7.97 3.77 -26.91
CA LYS F 35 6.81 3.20 -27.59
C LYS F 35 7.27 2.27 -28.71
N TRP F 36 6.39 1.36 -29.12
CA TRP F 36 6.68 0.42 -30.19
C TRP F 36 5.52 0.44 -31.19
N VAL F 37 5.84 0.76 -32.45
CA VAL F 37 4.84 0.90 -33.50
C VAL F 37 5.13 -0.12 -34.58
N LYS F 38 4.08 -0.75 -35.10
CA LYS F 38 4.18 -1.75 -36.15
C LYS F 38 3.52 -1.23 -37.42
N GLN F 39 4.27 -1.23 -38.52
CA GLN F 39 3.77 -0.79 -39.81
C GLN F 39 3.73 -1.97 -40.76
N SER F 40 2.53 -2.39 -41.14
CA SER F 40 2.33 -3.50 -42.06
C SER F 40 2.01 -2.96 -43.44
N HIS F 41 2.22 -3.80 -44.46
CA HIS F 41 1.96 -3.39 -45.83
C HIS F 41 0.46 -3.41 -46.11
N GLY F 42 -0.01 -2.36 -46.78
CA GLY F 42 -1.42 -2.21 -47.04
C GLY F 42 -2.24 -1.67 -45.89
N LYS F 43 -1.64 -1.53 -44.71
CA LYS F 43 -2.34 -1.00 -43.56
C LYS F 43 -1.57 0.20 -43.03
N SER F 44 -2.17 0.88 -42.07
CA SER F 44 -1.50 1.99 -41.41
C SER F 44 -0.55 1.47 -40.34
N LEU F 45 0.15 2.40 -39.69
CA LEU F 45 1.00 2.03 -38.57
C LEU F 45 0.14 1.71 -37.37
N GLU F 46 0.53 0.67 -36.64
CA GLU F 46 -0.25 0.17 -35.51
C GLU F 46 0.59 0.19 -34.25
N TRP F 47 -0.03 0.60 -33.15
CA TRP F 47 0.65 0.81 -31.87
C TRP F 47 0.62 -0.50 -31.08
N ILE F 48 1.81 -1.03 -30.76
CA ILE F 48 1.86 -2.23 -29.94
C ILE F 48 1.65 -1.88 -28.47
N GLY F 49 2.55 -1.09 -27.90
CA GLY F 49 2.50 -0.75 -26.50
C GLY F 49 3.68 0.11 -26.11
N ASP F 50 3.54 0.75 -24.95
CA ASP F 50 4.59 1.60 -24.41
C ASP F 50 5.02 1.08 -23.06
N ILE F 51 6.18 1.55 -22.60
CA ILE F 51 6.84 0.98 -21.43
C ILE F 51 7.67 2.05 -20.75
N ASN F 52 7.59 2.08 -19.41
CA ASN F 52 8.39 2.93 -18.54
C ASN F 52 9.68 2.22 -18.18
N PRO F 53 10.84 2.79 -18.47
CA PRO F 53 12.09 2.10 -18.16
C PRO F 53 12.47 2.14 -16.70
N ASN F 54 11.80 2.96 -15.89
CA ASN F 54 12.25 3.14 -14.51
C ASN F 54 11.77 2.00 -13.61
N ASN F 55 10.55 1.53 -13.81
CA ASN F 55 9.99 0.49 -12.96
C ASN F 55 9.64 -0.79 -13.70
N GLY F 56 9.72 -0.80 -15.02
CA GLY F 56 9.31 -1.95 -15.78
C GLY F 56 7.82 -2.08 -15.96
N ALA F 57 7.05 -1.02 -15.72
CA ALA F 57 5.63 -1.01 -16.00
C ALA F 57 5.42 -1.10 -17.49
N THR F 58 4.35 -1.77 -17.89
CA THR F 58 4.11 -2.08 -19.30
C THR F 58 2.68 -1.73 -19.69
N SER F 59 2.42 -1.81 -20.98
CA SER F 59 1.09 -1.66 -21.54
C SER F 59 1.07 -2.31 -22.92
N TYR F 60 -0.10 -2.81 -23.32
CA TYR F 60 -0.24 -3.54 -24.56
C TYR F 60 -1.55 -3.18 -25.22
N ASN F 61 -1.55 -3.16 -26.56
CA ASN F 61 -2.79 -3.04 -27.30
C ASN F 61 -3.59 -4.32 -27.16
N GLN F 62 -4.92 -4.21 -27.22
CA GLN F 62 -5.77 -5.34 -26.89
C GLN F 62 -5.79 -6.37 -28.01
N LYS F 63 -5.35 -6.00 -29.21
CA LYS F 63 -5.23 -6.97 -30.29
C LYS F 63 -3.90 -7.69 -30.21
N PHE F 64 -2.91 -7.07 -29.58
CA PHE F 64 -1.58 -7.64 -29.49
C PHE F 64 -1.28 -8.27 -28.14
N LYS F 65 -2.24 -8.31 -27.21
CA LYS F 65 -1.96 -8.93 -25.93
C LYS F 65 -1.91 -10.45 -26.07
N GLY F 66 -0.80 -11.02 -25.65
CA GLY F 66 -0.47 -12.40 -25.94
C GLY F 66 0.44 -12.57 -27.12
N LYS F 67 0.48 -11.59 -28.03
CA LYS F 67 1.33 -11.70 -29.21
C LYS F 67 2.77 -11.35 -28.87
N ALA F 68 2.98 -10.25 -28.14
CA ALA F 68 4.33 -9.77 -27.85
C ALA F 68 4.36 -9.15 -26.46
N THR F 69 5.50 -9.35 -25.78
CA THR F 69 5.72 -8.83 -24.43
C THR F 69 6.86 -7.83 -24.44
N LEU F 70 6.76 -6.81 -23.60
CA LEU F 70 7.80 -5.79 -23.49
C LEU F 70 8.50 -5.89 -22.14
N THR F 71 9.81 -5.59 -22.16
CA THR F 71 10.59 -5.53 -20.93
C THR F 71 11.78 -4.61 -21.15
N VAL F 72 12.52 -4.36 -20.06
CA VAL F 72 13.60 -3.39 -20.06
C VAL F 72 14.62 -3.79 -19.00
N ASP F 73 15.86 -3.34 -19.17
CA ASP F 73 16.87 -3.38 -18.11
C ASP F 73 17.48 -1.99 -18.00
N LYS F 74 17.68 -1.52 -16.76
CA LYS F 74 17.97 -0.12 -16.53
C LYS F 74 19.43 0.21 -16.80
N SER F 75 20.34 -0.71 -16.48
CA SER F 75 21.76 -0.39 -16.44
C SER F 75 22.36 -0.28 -17.84
N SER F 76 22.04 -1.24 -18.71
CA SER F 76 22.65 -1.29 -20.03
C SER F 76 21.96 -0.41 -21.05
N SER F 77 20.94 0.35 -20.64
CA SER F 77 20.20 1.32 -21.47
C SER F 77 19.59 0.66 -22.70
N THR F 78 18.91 -0.47 -22.49
CA THR F 78 18.38 -1.26 -23.59
C THR F 78 16.93 -1.63 -23.29
N ALA F 79 16.09 -1.60 -24.32
CA ALA F 79 14.70 -2.03 -24.22
C ALA F 79 14.38 -2.95 -25.38
N TYR F 80 14.03 -4.20 -25.07
CA TYR F 80 13.85 -5.22 -26.09
C TYR F 80 12.43 -5.77 -26.05
N MET F 81 11.97 -6.25 -27.20
CA MET F 81 10.60 -6.71 -27.41
C MET F 81 10.63 -8.17 -27.85
N GLN F 82 10.03 -9.04 -27.04
CA GLN F 82 9.97 -10.46 -27.35
C GLN F 82 8.76 -10.76 -28.22
N LEU F 83 8.95 -11.60 -29.24
CA LEU F 83 7.88 -11.96 -30.17
C LEU F 83 7.59 -13.46 -30.06
N ASN F 84 6.39 -13.80 -29.58
CA ASN F 84 5.96 -15.18 -29.45
C ASN F 84 4.80 -15.44 -30.41
N SER F 85 4.67 -16.72 -30.80
CA SER F 85 3.62 -17.25 -31.68
C SER F 85 3.52 -16.45 -32.98
N LEU F 86 4.58 -16.50 -33.78
CA LEU F 86 4.59 -15.75 -35.02
C LEU F 86 3.87 -16.52 -36.12
N THR F 87 3.10 -15.77 -36.90
CA THR F 87 2.47 -16.28 -38.12
C THR F 87 3.09 -15.57 -39.30
N SER F 88 2.61 -15.89 -40.50
CA SER F 88 3.08 -15.21 -41.70
C SER F 88 2.57 -13.79 -41.76
N GLU F 89 1.51 -13.48 -41.02
CA GLU F 89 0.86 -12.18 -41.11
C GLU F 89 1.59 -11.15 -40.27
N ASP F 90 2.53 -11.59 -39.43
CA ASP F 90 3.28 -10.66 -38.59
C ASP F 90 4.47 -10.07 -39.34
N SER F 91 4.68 -10.47 -40.59
CA SER F 91 5.81 -9.97 -41.36
C SER F 91 5.60 -8.50 -41.71
N ALA F 92 6.28 -7.63 -40.99
CA ALA F 92 6.10 -6.19 -41.11
C ALA F 92 7.38 -5.51 -40.62
N VAL F 93 7.35 -4.18 -40.54
CA VAL F 93 8.46 -3.38 -40.03
C VAL F 93 8.06 -2.82 -38.68
N TYR F 94 8.95 -2.95 -37.70
CA TYR F 94 8.67 -2.54 -36.33
C TYR F 94 9.58 -1.38 -35.96
N TYR F 95 8.99 -0.30 -35.45
CA TYR F 95 9.71 0.88 -35.02
C TYR F 95 9.64 1.04 -33.51
N CYS F 96 10.73 1.48 -32.90
CA CYS F 96 10.73 1.90 -31.51
C CYS F 96 10.94 3.42 -31.45
N ALA F 97 10.13 4.10 -30.67
CA ALA F 97 10.15 5.54 -30.55
C ALA F 97 10.03 5.94 -29.09
N ARG F 98 10.40 7.17 -28.79
CA ARG F 98 10.31 7.70 -27.43
C ARG F 98 9.30 8.84 -27.39
N ARG F 99 8.70 9.04 -26.23
CA ARG F 99 7.73 10.12 -26.07
C ARG F 99 8.44 11.43 -25.77
N GLY F 100 7.82 12.54 -26.17
CA GLY F 100 8.41 13.86 -26.03
C GLY F 100 7.96 14.51 -24.73
N TYR F 101 8.77 15.46 -24.24
CA TYR F 101 8.44 16.12 -22.98
C TYR F 101 7.63 17.38 -23.21
N GLY F 102 8.20 18.35 -23.92
CA GLY F 102 7.50 19.60 -24.14
C GLY F 102 6.36 19.47 -25.13
N LEU F 103 6.41 18.44 -25.97
CA LEU F 103 5.33 18.13 -26.88
C LEU F 103 4.13 17.59 -26.11
N TYR F 104 2.97 17.58 -26.76
CA TYR F 104 1.75 17.10 -26.11
C TYR F 104 1.65 15.59 -26.36
N TYR F 105 2.59 14.86 -25.75
CA TYR F 105 2.73 13.40 -25.85
C TYR F 105 2.91 12.95 -27.31
N ALA F 106 4.04 13.33 -27.91
CA ALA F 106 4.33 13.07 -29.31
C ALA F 106 5.62 12.29 -29.43
N MET F 107 5.66 11.34 -30.35
CA MET F 107 6.91 10.67 -30.68
C MET F 107 7.75 11.58 -31.57
N ASP F 108 8.98 11.86 -31.14
CA ASP F 108 9.85 12.77 -31.86
C ASP F 108 11.09 12.11 -32.44
N TYR F 109 11.61 11.07 -31.81
CA TYR F 109 12.74 10.31 -32.32
C TYR F 109 12.31 8.88 -32.58
N TRP F 110 12.70 8.35 -33.73
CA TRP F 110 12.35 7.00 -34.13
C TRP F 110 13.63 6.22 -34.40
N GLY F 111 13.48 4.91 -34.57
CA GLY F 111 14.62 4.05 -34.79
C GLY F 111 15.00 3.96 -36.26
N GLN F 112 15.93 3.04 -36.54
CA GLN F 112 16.26 2.73 -37.93
C GLN F 112 15.14 1.96 -38.59
N GLY F 113 14.48 1.10 -37.83
CA GLY F 113 13.40 0.28 -38.34
C GLY F 113 13.84 -1.14 -38.62
N THR F 114 13.56 -2.04 -37.68
CA THR F 114 13.88 -3.44 -37.90
C THR F 114 12.72 -4.17 -38.59
N SER F 115 13.05 -5.24 -39.29
CA SER F 115 12.10 -5.94 -40.15
C SER F 115 12.11 -7.43 -39.80
N VAL F 116 10.93 -8.02 -39.78
CA VAL F 116 10.78 -9.46 -39.61
C VAL F 116 10.02 -10.01 -40.82
N THR F 117 10.43 -11.17 -41.30
CA THR F 117 9.70 -11.89 -42.33
C THR F 117 9.56 -13.34 -41.89
N VAL F 118 8.42 -13.94 -42.22
CA VAL F 118 8.06 -15.26 -41.70
C VAL F 118 7.74 -16.18 -42.88
N SER F 119 8.52 -17.26 -42.99
CA SER F 119 8.31 -18.27 -44.01
C SER F 119 8.97 -19.56 -43.54
N SER F 120 8.64 -20.65 -44.20
CA SER F 120 9.19 -21.95 -43.84
C SER F 120 10.54 -22.18 -44.52
C1 SPH G . 11.97 2.60 -2.71
O1 SPH G . 10.58 2.50 -2.46
C2 SPH G . 12.58 3.34 -1.55
N2 SPH G . 11.51 3.70 -0.63
C3 SPH G . 13.66 2.51 -0.88
O3 SPH G . 14.69 2.27 -1.81
C4 SPH G . 14.23 3.12 0.37
C5 SPH G . 14.42 4.57 0.54
C6 SPH G . 15.41 5.14 1.52
C7 SPH G . 16.12 4.07 2.34
C8 SPH G . 17.48 4.55 2.81
C9 SPH G . 18.32 5.12 1.67
C10 SPH G . 19.82 4.92 1.85
C11 SPH G . 20.55 5.30 0.57
C12 SPH G . 22.01 5.66 0.84
C13 SPH G . 22.93 4.46 0.62
C14 SPH G . 24.33 4.91 0.24
C15 SPH G . 25.32 3.76 0.38
C16 SPH G . 26.63 4.01 -0.37
C17 SPH G . 27.69 4.63 0.53
C18 SPH G . 29.08 4.54 -0.10
#